data_1M9T
#
_entry.id   1M9T
#
_cell.length_a   214.422
_cell.length_b   214.422
_cell.length_c   113.267
_cell.angle_alpha   90.00
_cell.angle_beta   90.00
_cell.angle_gamma   120.00
#
_symmetry.space_group_name_H-M   'P 61 2 2'
#
loop_
_entity.id
_entity.type
_entity.pdbx_description
1 polymer 'inducible nitric oxide synthase'
2 non-polymer 'PROTOPORPHYRIN IX CONTAINING FE'
3 non-polymer 5,6,7,8-TETRAHYDROBIOPTERIN
4 non-polymer 3-BROMO-7-NITROINDAZOLE
5 non-polymer 1,2-ETHANEDIOL
6 non-polymer 'octyl beta-D-glucopyranoside'
7 water water
#
_entity_poly.entity_id   1
_entity_poly.type   'polypeptide(L)'
_entity_poly.pdbx_seq_one_letter_code
;SLDKLHVTSTRPQYVRIKNWGSGEILHDTLHHKATSDFTCKSKSCLGSIMNPKSLTRGPRDKPTPLEELLPHAIEFINQY
YGSFKEAKIEEHLARLEAVTKEIETTGTYQLTLDELIFATKMAWRNAPRCIGRIQWSNLQVFDARNCSTAQEMFQHICRH
ILYATNNGNIRSAITVFPQRSDGKHDFRLWNSQLIRYAGYQMPDGTIRGDAATLEFTQLCIDLGWKPRYGRFDVLPLVLQ
ADGQDPEVFEIPPDLVLEVTMEHPKYEWFQELGLKWYALPAVANMLLEVGGLEFPACPFNGWYMGTEIGVRDFCDTQRYN
ILEEVGRRMGLETHTLASLWKDRAVTEINVAVLHSFQKQNVTIMDHHTASESFMKHMQNEYRARGGCPADWIWLVPPVSG
SITPVFHQEMLNYVLSPFYYYQIEPWKTHIWQNE
;
_entity_poly.pdbx_strand_id   A,B
#
loop_
_chem_comp.id
_chem_comp.type
_chem_comp.name
_chem_comp.formula
BOG D-saccharide 'octyl beta-D-glucopyranoside' 'C14 H28 O6'
EDO non-polymer 1,2-ETHANEDIOL 'C2 H6 O2'
H4B non-polymer 5,6,7,8-TETRAHYDROBIOPTERIN 'C9 H15 N5 O3'
HEM non-polymer 'PROTOPORPHYRIN IX CONTAINING FE' 'C34 H32 Fe N4 O4'
INE non-polymer 3-BROMO-7-NITROINDAZOLE 'C7 H4 Br N3 O2'
#
# COMPACT_ATOMS: atom_id res chain seq x y z
N GLN A 13 14.83 43.06 33.55
CA GLN A 13 15.41 42.55 34.79
C GLN A 13 15.03 41.08 34.96
N TYR A 14 13.73 40.83 35.09
CA TYR A 14 13.19 39.48 35.28
C TYR A 14 11.66 39.47 35.22
N VAL A 15 11.08 38.31 34.97
CA VAL A 15 9.63 38.16 34.91
C VAL A 15 9.12 37.49 36.19
N ARG A 16 8.14 38.14 36.82
CA ARG A 16 7.55 37.65 38.05
C ARG A 16 6.58 36.50 37.81
N ILE A 17 6.73 35.43 38.58
CA ILE A 17 5.88 34.24 38.46
C ILE A 17 5.23 33.94 39.81
N LYS A 18 3.93 33.68 39.80
CA LYS A 18 3.22 33.38 41.04
C LYS A 18 2.47 32.05 41.07
N ASN A 19 2.51 31.39 42.23
CA ASN A 19 1.77 30.15 42.42
C ASN A 19 0.55 30.54 43.26
N TRP A 20 -0.64 30.39 42.69
CA TRP A 20 -1.86 30.76 43.37
C TRP A 20 -2.35 29.81 44.46
N GLY A 21 -1.72 28.65 44.56
CA GLY A 21 -2.12 27.69 45.58
C GLY A 21 -1.44 28.01 46.89
N SER A 22 -0.11 28.10 46.84
CA SER A 22 0.71 28.38 48.01
C SER A 22 1.04 29.87 48.20
N GLY A 23 0.84 30.67 47.16
CA GLY A 23 1.13 32.09 47.26
C GLY A 23 2.57 32.47 46.95
N GLU A 24 3.45 31.48 46.81
CA GLU A 24 4.87 31.71 46.52
C GLU A 24 5.12 32.50 45.24
N ILE A 25 6.20 33.27 45.23
CA ILE A 25 6.58 34.07 44.06
C ILE A 25 7.97 33.63 43.61
N LEU A 26 8.19 33.68 42.30
CA LEU A 26 9.48 33.30 41.70
C LEU A 26 9.91 34.32 40.65
N HIS A 27 11.21 34.50 40.51
CA HIS A 27 11.76 35.46 39.54
C HIS A 27 12.46 34.76 38.39
N ASP A 28 11.83 34.76 37.22
CA ASP A 28 12.42 34.11 36.05
C ASP A 28 13.37 35.00 35.27
N THR A 29 14.65 34.61 35.25
CA THR A 29 15.68 35.33 34.52
C THR A 29 16.23 34.45 33.38
N LEU A 30 16.02 33.14 33.50
CA LEU A 30 16.48 32.17 32.52
C LEU A 30 15.92 32.38 31.11
N HIS A 31 14.72 32.94 31.01
CA HIS A 31 14.08 33.17 29.72
C HIS A 31 14.86 34.11 28.80
N HIS A 32 15.84 34.84 29.35
CA HIS A 32 16.64 35.77 28.56
C HIS A 32 17.57 35.03 27.60
N LYS A 33 17.84 33.76 27.89
CA LYS A 33 18.72 32.93 27.06
C LYS A 33 17.96 32.17 25.98
N ALA A 34 16.68 32.45 25.84
CA ALA A 34 15.83 31.81 24.84
C ALA A 34 16.32 32.09 23.43
N THR A 35 16.01 31.18 22.50
CA THR A 35 16.43 31.29 21.11
C THR A 35 15.79 32.46 20.35
N SER A 36 14.47 32.43 20.17
CA SER A 36 13.76 33.49 19.46
C SER A 36 13.63 34.75 20.33
N CYS A 45 -2.46 34.95 19.18
CA CYS A 45 -1.46 34.15 19.89
C CYS A 45 -1.69 32.64 19.73
N LEU A 46 -0.63 31.94 19.32
CA LEU A 46 -0.62 30.49 19.11
C LEU A 46 -0.93 29.75 20.44
N GLY A 47 -2.19 29.82 20.84
CA GLY A 47 -2.64 29.21 22.08
C GLY A 47 -2.29 27.75 22.32
N SER A 48 -3.19 26.86 21.90
CA SER A 48 -2.99 25.44 22.11
C SER A 48 -2.62 24.64 20.86
N ILE A 49 -1.63 25.13 20.11
CA ILE A 49 -1.20 24.43 18.91
C ILE A 49 -0.29 23.27 19.28
N MET A 50 -0.64 22.10 18.75
CA MET A 50 0.08 20.87 19.02
C MET A 50 1.51 20.86 18.47
N ASN A 51 1.64 21.06 17.15
CA ASN A 51 2.95 21.05 16.51
C ASN A 51 3.29 22.35 15.79
N PRO A 52 3.65 23.40 16.55
CA PRO A 52 3.99 24.69 15.93
C PRO A 52 5.41 24.65 15.36
N LYS A 53 5.68 25.53 14.40
CA LYS A 53 7.01 25.60 13.77
C LYS A 53 8.11 25.94 14.76
N SER A 54 7.77 26.71 15.80
CA SER A 54 8.76 27.08 16.81
C SER A 54 9.34 25.88 17.54
N LEU A 55 8.62 24.75 17.50
CA LEU A 55 9.09 23.54 18.17
C LEU A 55 9.55 22.47 17.16
N THR A 56 9.59 22.85 15.89
CA THR A 56 9.98 21.93 14.83
C THR A 56 11.26 22.32 14.11
N ARG A 57 12.18 21.37 13.98
CA ARG A 57 13.44 21.59 13.29
C ARG A 57 13.39 20.68 12.07
N GLY A 58 13.13 21.30 10.92
CA GLY A 58 13.01 20.57 9.66
C GLY A 58 14.28 20.07 8.99
N PRO A 59 14.14 19.55 7.76
CA PRO A 59 15.21 19.01 6.93
C PRO A 59 16.12 20.06 6.28
N ARG A 60 17.23 19.57 5.71
CA ARG A 60 18.20 20.42 5.02
C ARG A 60 18.79 19.67 3.84
N ASP A 61 19.26 20.41 2.83
CA ASP A 61 19.90 19.81 1.66
C ASP A 61 21.33 20.30 1.52
N LYS A 62 21.74 21.15 2.46
CA LYS A 62 23.08 21.73 2.48
C LYS A 62 23.57 21.77 3.93
N PRO A 63 24.89 21.75 4.13
CA PRO A 63 25.52 21.79 5.46
C PRO A 63 25.22 23.10 6.19
N THR A 64 25.41 23.09 7.50
CA THR A 64 25.16 24.28 8.31
C THR A 64 26.24 25.32 8.01
N PRO A 65 25.84 26.54 7.62
CA PRO A 65 26.78 27.63 7.32
C PRO A 65 27.74 27.85 8.48
N LEU A 66 29.02 27.98 8.17
CA LEU A 66 30.06 28.15 9.18
C LEU A 66 29.87 29.35 10.10
N GLU A 67 29.38 30.46 9.55
CA GLU A 67 29.17 31.67 10.33
C GLU A 67 28.12 31.43 11.40
N GLU A 68 27.25 30.45 11.17
CA GLU A 68 26.20 30.10 12.13
C GLU A 68 26.69 29.03 13.08
N LEU A 69 27.29 27.97 12.53
CA LEU A 69 27.79 26.87 13.35
C LEU A 69 28.76 27.26 14.46
N LEU A 70 29.79 28.01 14.12
CA LEU A 70 30.81 28.39 15.09
C LEU A 70 30.33 29.12 16.35
N PRO A 71 29.49 30.17 16.21
CA PRO A 71 29.02 30.88 17.41
C PRO A 71 28.26 29.90 18.32
N HIS A 72 27.42 29.05 17.71
CA HIS A 72 26.64 28.06 18.44
C HIS A 72 27.54 27.05 19.15
N ALA A 73 28.59 26.63 18.48
CA ALA A 73 29.54 25.68 19.04
C ALA A 73 30.24 26.30 20.25
N ILE A 74 30.80 27.49 20.06
CA ILE A 74 31.50 28.20 21.13
C ILE A 74 30.57 28.39 22.31
N GLU A 75 29.34 28.79 22.03
CA GLU A 75 28.39 29.01 23.12
C GLU A 75 28.11 27.73 23.91
N PHE A 76 28.08 26.59 23.23
CA PHE A 76 27.87 25.32 23.91
C PHE A 76 29.10 24.93 24.73
N ILE A 77 30.27 25.09 24.13
CA ILE A 77 31.53 24.76 24.81
C ILE A 77 31.68 25.60 26.08
N ASN A 78 31.15 26.82 26.07
CA ASN A 78 31.22 27.69 27.24
C ASN A 78 30.26 27.20 28.30
N GLN A 79 29.07 26.75 27.86
CA GLN A 79 28.05 26.24 28.77
C GLN A 79 28.52 24.97 29.45
N TYR A 80 29.10 24.06 28.66
CA TYR A 80 29.61 22.79 29.18
C TYR A 80 30.66 23.00 30.26
N TYR A 81 31.71 23.76 29.95
CA TYR A 81 32.77 24.01 30.93
C TYR A 81 32.29 24.88 32.09
N GLY A 82 31.33 25.76 31.82
CA GLY A 82 30.82 26.63 32.87
C GLY A 82 29.82 25.93 33.77
N SER A 83 29.70 24.60 33.66
CA SER A 83 28.76 23.85 34.46
C SER A 83 29.42 23.02 35.55
N PHE A 84 30.75 23.03 35.59
CA PHE A 84 31.49 22.26 36.59
C PHE A 84 31.53 22.98 37.94
N LYS A 85 31.66 22.19 39.02
CA LYS A 85 31.74 22.71 40.39
C LYS A 85 32.93 23.67 40.47
N GLU A 86 34.08 23.16 40.05
CA GLU A 86 35.32 23.93 40.03
C GLU A 86 35.85 23.92 38.61
N ALA A 87 35.82 25.09 37.99
CA ALA A 87 36.24 25.32 36.61
C ALA A 87 37.63 24.79 36.25
N LYS A 88 37.75 24.34 35.00
CA LYS A 88 39.00 23.82 34.46
C LYS A 88 39.34 24.65 33.23
N ILE A 89 39.78 25.88 33.49
CA ILE A 89 40.14 26.87 32.48
C ILE A 89 41.05 26.41 31.35
N GLU A 90 42.15 25.74 31.72
CA GLU A 90 43.11 25.25 30.73
C GLU A 90 42.43 24.41 29.65
N GLU A 91 41.73 23.37 30.08
CA GLU A 91 41.01 22.47 29.17
C GLU A 91 39.94 23.21 28.38
N HIS A 92 39.29 24.17 29.04
CA HIS A 92 38.25 24.97 28.43
C HIS A 92 38.78 25.71 27.20
N LEU A 93 39.84 26.49 27.40
CA LEU A 93 40.44 27.24 26.30
C LEU A 93 40.95 26.31 25.20
N ALA A 94 41.52 25.16 25.58
CA ALA A 94 42.02 24.20 24.60
C ALA A 94 40.88 23.62 23.76
N ARG A 95 39.76 23.32 24.40
CA ARG A 95 38.61 22.77 23.68
C ARG A 95 38.10 23.84 22.72
N LEU A 96 38.10 25.09 23.16
CA LEU A 96 37.66 26.19 22.31
C LEU A 96 38.51 26.26 21.03
N GLU A 97 39.83 26.12 21.20
CA GLU A 97 40.75 26.15 20.07
C GLU A 97 40.53 24.97 19.15
N ALA A 98 40.58 23.76 19.72
CA ALA A 98 40.40 22.52 18.95
C ALA A 98 39.10 22.48 18.18
N VAL A 99 38.01 22.93 18.81
CA VAL A 99 36.69 22.95 18.18
C VAL A 99 36.72 23.87 16.96
N THR A 100 37.33 25.05 17.11
CA THR A 100 37.43 26.00 16.01
C THR A 100 38.21 25.37 14.85
N LYS A 101 39.33 24.72 15.16
CA LYS A 101 40.15 24.08 14.13
C LYS A 101 39.40 22.98 13.42
N GLU A 102 38.65 22.21 14.20
CA GLU A 102 37.88 21.11 13.63
C GLU A 102 36.87 21.61 12.61
N ILE A 103 36.22 22.72 12.95
CA ILE A 103 35.24 23.32 12.06
C ILE A 103 35.94 23.92 10.82
N GLU A 104 37.08 24.56 11.05
CA GLU A 104 37.84 25.15 9.95
C GLU A 104 38.32 24.08 8.97
N THR A 105 38.80 22.97 9.50
CA THR A 105 39.31 21.89 8.66
C THR A 105 38.33 20.85 8.17
N THR A 106 37.19 20.68 8.84
CA THR A 106 36.23 19.66 8.42
C THR A 106 34.86 20.19 8.07
N GLY A 107 34.56 21.41 8.50
CA GLY A 107 33.26 22.01 8.21
C GLY A 107 32.22 21.75 9.28
N THR A 108 32.56 20.91 10.25
CA THR A 108 31.67 20.57 11.36
C THR A 108 32.56 20.04 12.49
N TYR A 109 31.96 19.62 13.59
CA TYR A 109 32.76 19.08 14.68
C TYR A 109 32.09 17.92 15.40
N GLN A 110 32.91 17.13 16.07
CA GLN A 110 32.46 15.98 16.82
C GLN A 110 32.47 16.28 18.30
N LEU A 111 31.32 16.04 18.95
CA LEU A 111 31.22 16.26 20.39
C LEU A 111 32.00 15.19 21.13
N THR A 112 32.56 15.54 22.27
CA THR A 112 33.27 14.51 23.03
C THR A 112 32.14 13.75 23.74
N LEU A 113 32.43 12.54 24.20
CA LEU A 113 31.40 11.75 24.88
C LEU A 113 30.78 12.48 26.08
N ASP A 114 31.62 13.13 26.90
CA ASP A 114 31.13 13.86 28.05
C ASP A 114 30.22 15.02 27.65
N GLU A 115 30.57 15.71 26.57
CA GLU A 115 29.76 16.82 26.10
C GLU A 115 28.40 16.31 25.63
N LEU A 116 28.39 15.19 24.92
CA LEU A 116 27.16 14.60 24.41
C LEU A 116 26.25 14.21 25.58
N ILE A 117 26.84 13.55 26.58
CA ILE A 117 26.10 13.11 27.76
C ILE A 117 25.47 14.36 28.39
N PHE A 118 26.30 15.38 28.59
CA PHE A 118 25.84 16.63 29.17
C PHE A 118 24.69 17.25 28.33
N ALA A 119 24.84 17.18 27.01
CA ALA A 119 23.85 17.72 26.09
C ALA A 119 22.50 17.03 26.15
N THR A 120 22.51 15.69 26.21
CA THR A 120 21.26 14.93 26.24
C THR A 120 20.46 15.21 27.51
N LYS A 121 21.16 15.32 28.63
CA LYS A 121 20.50 15.60 29.90
C LYS A 121 19.96 17.03 29.92
N MET A 122 20.75 17.99 29.44
CA MET A 122 20.32 19.38 29.40
C MET A 122 19.10 19.55 28.52
N ALA A 123 19.11 18.90 27.34
CA ALA A 123 17.97 19.00 26.43
C ALA A 123 16.71 18.47 27.12
N TRP A 124 16.87 17.44 27.95
CA TRP A 124 15.76 16.85 28.69
C TRP A 124 15.33 17.89 29.73
N ARG A 125 16.32 18.43 30.43
CA ARG A 125 16.12 19.45 31.44
C ARG A 125 15.36 20.64 30.82
N ASN A 126 15.62 20.91 29.54
CA ASN A 126 14.97 21.99 28.82
C ASN A 126 13.68 21.59 28.07
N ALA A 127 13.16 20.40 28.32
CA ALA A 127 11.92 19.99 27.63
C ALA A 127 10.74 20.58 28.41
N PRO A 128 10.13 21.65 27.88
CA PRO A 128 8.99 22.34 28.51
C PRO A 128 7.77 21.48 28.72
N ARG A 129 7.65 20.42 27.94
CA ARG A 129 6.49 19.55 28.02
C ARG A 129 6.64 18.30 28.86
N CYS A 130 7.79 18.13 29.50
CA CYS A 130 8.04 16.95 30.32
C CYS A 130 7.82 17.16 31.83
N ILE A 131 6.95 16.34 32.42
CA ILE A 131 6.64 16.40 33.85
C ILE A 131 7.66 15.62 34.68
N GLY A 132 8.36 14.69 34.04
CA GLY A 132 9.33 13.87 34.75
C GLY A 132 10.72 14.43 34.91
N ARG A 133 10.90 15.70 34.56
CA ARG A 133 12.22 16.33 34.61
C ARG A 133 13.04 16.34 35.90
N ILE A 134 12.48 15.86 37.00
CA ILE A 134 13.25 15.82 38.24
C ILE A 134 14.34 14.76 38.11
N GLN A 135 14.11 13.84 37.17
CA GLN A 135 15.04 12.74 36.88
C GLN A 135 16.10 13.09 35.82
N TRP A 136 16.13 14.34 35.37
CA TRP A 136 17.05 14.77 34.30
C TRP A 136 18.50 14.32 34.37
N SER A 137 19.09 14.30 35.56
CA SER A 137 20.49 13.89 35.68
C SER A 137 20.72 12.38 35.62
N ASN A 138 19.63 11.60 35.67
CA ASN A 138 19.71 10.13 35.60
C ASN A 138 19.36 9.60 34.20
N LEU A 139 20.32 9.66 33.30
CA LEU A 139 20.07 9.20 31.95
C LEU A 139 21.25 8.39 31.44
N GLN A 140 20.95 7.19 30.93
CA GLN A 140 21.97 6.30 30.37
C GLN A 140 22.12 6.74 28.91
N VAL A 141 23.37 6.91 28.47
CA VAL A 141 23.60 7.36 27.11
C VAL A 141 24.31 6.31 26.25
N PHE A 142 23.69 5.95 25.14
CA PHE A 142 24.27 4.97 24.23
C PHE A 142 24.79 5.69 22.97
N ASP A 143 26.13 5.78 22.90
CA ASP A 143 26.79 6.43 21.79
C ASP A 143 26.83 5.53 20.55
N ALA A 144 25.94 5.80 19.61
CA ALA A 144 25.89 5.03 18.37
C ALA A 144 26.20 5.94 17.19
N ARG A 145 27.08 6.90 17.40
CA ARG A 145 27.46 7.83 16.34
C ARG A 145 28.34 7.15 15.25
N ASN A 146 28.93 6.01 15.59
CA ASN A 146 29.76 5.24 14.67
C ASN A 146 28.89 4.34 13.77
N CYS A 147 27.60 4.26 14.08
CA CYS A 147 26.66 3.43 13.33
C CYS A 147 26.62 3.82 11.86
N SER A 148 26.38 2.86 10.96
CA SER A 148 26.32 3.17 9.53
C SER A 148 25.25 2.44 8.73
N THR A 149 24.71 1.35 9.27
CA THR A 149 23.66 0.62 8.55
C THR A 149 22.38 0.42 9.36
N ALA A 150 21.28 0.18 8.65
CA ALA A 150 19.99 -0.04 9.28
C ALA A 150 20.05 -1.23 10.23
N GLN A 151 20.76 -2.29 9.83
CA GLN A 151 20.91 -3.49 10.65
C GLN A 151 21.61 -3.13 11.96
N GLU A 152 22.59 -2.24 11.87
CA GLU A 152 23.32 -1.81 13.04
C GLU A 152 22.42 -0.93 13.91
N MET A 153 21.57 -0.14 13.27
CA MET A 153 20.62 0.72 13.97
C MET A 153 19.71 -0.19 14.80
N PHE A 154 19.08 -1.13 14.10
CA PHE A 154 18.18 -2.11 14.68
C PHE A 154 18.80 -2.82 15.87
N GLN A 155 20.07 -3.17 15.77
CA GLN A 155 20.75 -3.84 16.87
C GLN A 155 20.88 -2.91 18.04
N HIS A 156 21.19 -1.65 17.76
CA HIS A 156 21.31 -0.63 18.81
C HIS A 156 19.97 -0.40 19.52
N ILE A 157 18.90 -0.28 18.74
CA ILE A 157 17.58 -0.07 19.29
C ILE A 157 17.15 -1.24 20.18
N CYS A 158 17.52 -2.47 19.81
CA CYS A 158 17.19 -3.64 20.62
C CYS A 158 17.95 -3.57 21.94
N ARG A 159 19.22 -3.21 21.87
CA ARG A 159 20.03 -3.12 23.08
C ARG A 159 19.43 -2.07 24.01
N HIS A 160 18.86 -1.04 23.40
CA HIS A 160 18.26 0.04 24.15
C HIS A 160 17.03 -0.49 24.89
N ILE A 161 16.08 -1.02 24.12
CA ILE A 161 14.86 -1.57 24.66
C ILE A 161 15.14 -2.54 25.81
N LEU A 162 16.10 -3.43 25.60
CA LEU A 162 16.46 -4.42 26.62
C LEU A 162 16.99 -3.80 27.90
N TYR A 163 17.87 -2.81 27.74
CA TYR A 163 18.46 -2.12 28.88
C TYR A 163 17.40 -1.32 29.65
N ALA A 164 16.66 -0.50 28.91
CA ALA A 164 15.62 0.36 29.46
C ALA A 164 14.56 -0.42 30.24
N THR A 165 14.09 -1.52 29.65
CA THR A 165 13.07 -2.35 30.28
C THR A 165 13.50 -2.95 31.61
N ASN A 166 14.71 -3.50 31.63
CA ASN A 166 15.29 -4.08 32.84
C ASN A 166 14.32 -4.99 33.62
N ASN A 167 13.50 -5.75 32.89
CA ASN A 167 12.51 -6.65 33.49
C ASN A 167 11.53 -5.91 34.42
N GLY A 168 10.91 -4.86 33.90
CA GLY A 168 9.97 -4.07 34.68
C GLY A 168 10.56 -2.92 35.49
N ASN A 169 11.81 -3.02 35.91
CA ASN A 169 12.43 -1.93 36.68
C ASN A 169 12.98 -0.89 35.69
N ILE A 170 12.07 -0.31 34.91
CA ILE A 170 12.39 0.68 33.88
C ILE A 170 13.50 1.68 34.20
N ARG A 171 14.40 1.85 33.23
CA ARG A 171 15.53 2.79 33.34
C ARG A 171 15.51 3.78 32.18
N SER A 172 15.76 5.05 32.50
CA SER A 172 15.78 6.10 31.48
C SER A 172 17.06 5.98 30.67
N ALA A 173 16.92 6.04 29.34
CA ALA A 173 18.09 5.94 28.48
C ALA A 173 17.85 6.60 27.13
N ILE A 174 18.94 6.90 26.43
CA ILE A 174 18.86 7.51 25.11
C ILE A 174 19.96 6.93 24.22
N THR A 175 19.65 6.77 22.94
CA THR A 175 20.62 6.25 21.99
C THR A 175 20.83 7.30 20.94
N VAL A 176 22.06 7.78 20.82
CA VAL A 176 22.39 8.81 19.84
C VAL A 176 23.03 8.26 18.58
N PHE A 177 22.40 8.48 17.44
CA PHE A 177 22.91 8.06 16.15
C PHE A 177 23.71 9.19 15.51
N PRO A 178 24.38 8.93 14.37
CA PRO A 178 25.18 9.97 13.69
C PRO A 178 24.45 11.26 13.39
N GLN A 179 25.12 12.38 13.71
CA GLN A 179 24.58 13.72 13.48
C GLN A 179 24.39 14.01 12.00
N ARG A 180 23.46 14.91 11.71
CA ARG A 180 23.18 15.32 10.34
C ARG A 180 24.42 15.99 9.74
N SER A 181 24.82 15.54 8.56
CA SER A 181 25.98 16.10 7.89
C SER A 181 25.53 17.15 6.87
N ASP A 182 25.00 16.70 5.73
CA ASP A 182 24.52 17.62 4.72
C ASP A 182 23.00 17.61 4.58
N GLY A 183 22.34 16.76 5.38
CA GLY A 183 20.90 16.68 5.33
C GLY A 183 20.38 15.68 4.32
N LYS A 184 21.27 15.10 3.53
CA LYS A 184 20.90 14.11 2.53
C LYS A 184 21.29 12.72 3.01
N HIS A 185 21.91 12.65 4.19
CA HIS A 185 22.33 11.39 4.78
C HIS A 185 21.81 11.22 6.22
N ASP A 186 20.58 11.68 6.45
CA ASP A 186 19.97 11.61 7.78
C ASP A 186 19.60 10.21 8.28
N PHE A 187 19.93 9.95 9.54
CA PHE A 187 19.53 8.70 10.19
C PHE A 187 18.19 9.09 10.80
N ARG A 188 17.15 8.30 10.55
CA ARG A 188 15.81 8.61 11.07
C ARG A 188 14.98 7.37 11.40
N LEU A 189 14.20 7.48 12.48
CA LEU A 189 13.27 6.42 12.86
C LEU A 189 11.93 6.94 12.38
N TRP A 190 11.22 6.13 11.60
CA TRP A 190 9.94 6.55 11.07
C TRP A 190 8.81 6.33 12.07
N ASN A 191 9.13 5.63 13.16
CA ASN A 191 8.17 5.34 14.23
C ASN A 191 8.03 6.56 15.16
N SER A 192 6.82 6.75 15.68
CA SER A 192 6.56 7.85 16.62
C SER A 192 7.19 7.43 17.95
N GLN A 193 6.96 6.17 18.34
CA GLN A 193 7.54 5.61 19.55
C GLN A 193 8.18 4.26 19.20
N LEU A 194 9.16 3.82 19.99
CA LEU A 194 9.78 2.52 19.73
C LEU A 194 8.74 1.41 19.76
N ILE A 195 8.04 1.27 20.89
CA ILE A 195 6.98 0.27 21.05
C ILE A 195 5.65 1.00 20.80
N ARG A 196 4.83 0.49 19.88
CA ARG A 196 3.57 1.13 19.56
C ARG A 196 2.64 0.09 18.90
N TYR A 197 1.35 0.14 19.21
CA TYR A 197 0.40 -0.83 18.65
C TYR A 197 -0.13 -0.42 17.31
N ALA A 198 -0.47 -1.41 16.49
CA ALA A 198 -1.00 -1.18 15.16
C ALA A 198 -2.48 -0.89 15.18
N GLY A 199 -2.94 -0.19 14.14
CA GLY A 199 -4.33 0.14 14.03
C GLY A 199 -4.79 -0.19 12.62
N TYR A 200 -5.85 -0.99 12.51
CA TYR A 200 -6.36 -1.41 11.22
C TYR A 200 -7.77 -0.91 10.97
N GLN A 201 -8.03 -0.49 9.74
CA GLN A 201 -9.35 -0.01 9.33
C GLN A 201 -10.21 -1.20 8.92
N MET A 202 -10.64 -1.97 9.93
CA MET A 202 -11.48 -3.16 9.75
C MET A 202 -12.62 -2.99 8.76
N PRO A 203 -13.12 -4.11 8.19
CA PRO A 203 -14.21 -4.19 7.22
C PRO A 203 -15.52 -3.50 7.63
N ASP A 204 -16.04 -3.91 8.78
CA ASP A 204 -17.31 -3.41 9.34
C ASP A 204 -17.41 -1.93 9.75
N GLY A 205 -16.64 -1.08 9.08
CA GLY A 205 -16.66 0.36 9.36
C GLY A 205 -15.88 0.79 10.60
N THR A 206 -15.65 -0.16 11.51
CA THR A 206 -14.93 0.08 12.75
C THR A 206 -13.42 0.26 12.56
N ILE A 207 -12.70 0.18 13.68
CA ILE A 207 -11.25 0.31 13.72
C ILE A 207 -10.78 -0.68 14.76
N ARG A 208 -9.64 -1.31 14.51
CA ARG A 208 -9.11 -2.28 15.45
C ARG A 208 -7.73 -1.82 15.91
N GLY A 209 -7.45 -2.03 17.19
CA GLY A 209 -6.15 -1.63 17.74
C GLY A 209 -6.07 -0.17 18.18
N ASP A 210 -5.04 0.52 17.69
CA ASP A 210 -4.78 1.93 18.01
C ASP A 210 -5.07 2.80 16.79
N ALA A 211 -6.19 3.52 16.83
CA ALA A 211 -6.60 4.39 15.73
C ALA A 211 -5.62 5.52 15.38
N ALA A 212 -4.75 5.86 16.33
CA ALA A 212 -3.78 6.92 16.11
C ALA A 212 -2.70 6.51 15.11
N THR A 213 -2.39 5.21 15.07
CA THR A 213 -1.38 4.70 14.16
C THR A 213 -1.94 4.11 12.86
N LEU A 214 -3.09 4.61 12.41
CA LEU A 214 -3.70 4.11 11.18
C LEU A 214 -2.84 4.30 9.95
N GLU A 215 -2.56 5.57 9.61
CA GLU A 215 -1.75 5.91 8.44
C GLU A 215 -0.36 5.25 8.46
N PHE A 216 0.25 5.17 9.63
CA PHE A 216 1.57 4.57 9.73
C PHE A 216 1.53 3.06 9.58
N THR A 217 0.51 2.42 10.15
CA THR A 217 0.36 0.97 10.04
C THR A 217 0.34 0.60 8.58
N GLN A 218 -0.41 1.38 7.80
CA GLN A 218 -0.50 1.16 6.36
C GLN A 218 0.90 1.23 5.76
N LEU A 219 1.61 2.31 6.02
CA LEU A 219 2.97 2.49 5.49
C LEU A 219 3.87 1.27 5.73
N CYS A 220 3.74 0.66 6.89
CA CYS A 220 4.52 -0.53 7.22
C CYS A 220 4.13 -1.66 6.26
N ILE A 221 2.83 -1.76 5.99
CA ILE A 221 2.30 -2.78 5.09
C ILE A 221 2.82 -2.53 3.68
N ASP A 222 2.78 -1.27 3.25
CA ASP A 222 3.27 -0.87 1.94
C ASP A 222 4.76 -1.14 1.77
N LEU A 223 5.41 -1.57 2.85
CA LEU A 223 6.84 -1.86 2.82
C LEU A 223 7.14 -3.32 3.17
N GLY A 224 6.09 -4.16 3.13
CA GLY A 224 6.24 -5.57 3.40
C GLY A 224 6.04 -6.11 4.80
N TRP A 225 5.39 -5.35 5.66
CA TRP A 225 5.15 -5.85 7.02
C TRP A 225 3.89 -6.72 6.99
N LYS A 226 3.93 -7.82 7.72
CA LYS A 226 2.79 -8.75 7.80
C LYS A 226 1.75 -8.32 8.84
N PRO A 227 0.62 -7.75 8.38
CA PRO A 227 -0.45 -7.30 9.28
C PRO A 227 -1.14 -8.45 10.01
N ARG A 228 -0.78 -8.66 11.27
CA ARG A 228 -1.38 -9.73 12.07
C ARG A 228 -2.80 -9.37 12.51
N TYR A 229 -3.38 -8.39 11.80
CA TYR A 229 -4.73 -7.87 11.98
C TYR A 229 -5.44 -7.87 13.33
N GLY A 230 -4.72 -7.51 14.39
CA GLY A 230 -5.31 -7.52 15.73
C GLY A 230 -5.59 -6.24 16.51
N ARG A 231 -5.50 -6.40 17.82
CA ARG A 231 -5.78 -5.39 18.84
C ARG A 231 -4.56 -4.73 19.49
N PHE A 232 -3.58 -5.56 19.84
CA PHE A 232 -2.37 -5.08 20.46
C PHE A 232 -1.16 -5.63 19.71
N ASP A 233 -1.12 -5.36 18.41
CA ASP A 233 -0.02 -5.81 17.58
C ASP A 233 1.13 -4.82 17.55
N VAL A 234 2.21 -5.15 18.24
CA VAL A 234 3.40 -4.31 18.27
C VAL A 234 3.92 -4.10 16.85
N LEU A 235 3.95 -2.84 16.42
CA LEU A 235 4.41 -2.46 15.09
C LEU A 235 5.92 -2.63 14.97
N PRO A 236 6.44 -2.67 13.73
CA PRO A 236 7.87 -2.83 13.48
C PRO A 236 8.66 -1.52 13.42
N LEU A 237 9.95 -1.62 13.73
CA LEU A 237 10.86 -0.48 13.66
C LEU A 237 11.12 -0.22 12.18
N VAL A 238 10.85 1.01 11.73
CA VAL A 238 11.08 1.40 10.34
C VAL A 238 12.29 2.32 10.38
N LEU A 239 13.45 1.79 10.02
CA LEU A 239 14.70 2.51 10.08
C LEU A 239 15.33 3.03 8.79
N GLN A 240 15.73 4.29 8.83
CA GLN A 240 16.38 4.98 7.73
C GLN A 240 17.80 5.30 8.16
N ALA A 241 18.78 4.81 7.41
CA ALA A 241 20.18 5.05 7.77
C ALA A 241 20.93 5.70 6.62
N ASP A 242 21.79 6.65 6.95
CA ASP A 242 22.60 7.37 5.97
C ASP A 242 21.78 7.92 4.79
N GLY A 243 20.59 8.43 5.09
CA GLY A 243 19.74 9.00 4.06
C GLY A 243 19.14 8.00 3.10
N GLN A 244 19.45 6.71 3.31
CA GLN A 244 18.94 5.65 2.45
C GLN A 244 17.53 5.24 2.80
N ASP A 245 16.89 4.52 1.89
CA ASP A 245 15.51 4.05 2.07
C ASP A 245 15.31 3.27 3.37
N PRO A 246 14.14 3.42 3.99
CA PRO A 246 13.80 2.73 5.25
C PRO A 246 13.62 1.22 5.12
N GLU A 247 14.14 0.50 6.11
CA GLU A 247 14.02 -0.95 6.15
C GLU A 247 13.16 -1.33 7.35
N VAL A 248 12.25 -2.28 7.13
CA VAL A 248 11.35 -2.75 8.16
C VAL A 248 11.99 -3.88 8.99
N PHE A 249 11.88 -3.78 10.31
CA PHE A 249 12.42 -4.78 11.23
C PHE A 249 11.40 -5.04 12.34
N GLU A 250 11.02 -6.30 12.54
CA GLU A 250 10.08 -6.65 13.60
C GLU A 250 10.82 -6.69 14.93
N ILE A 251 10.20 -6.19 15.98
CA ILE A 251 10.84 -6.19 17.29
C ILE A 251 10.69 -7.56 17.93
N PRO A 252 11.80 -8.14 18.40
CA PRO A 252 11.77 -9.45 19.04
C PRO A 252 10.83 -9.43 20.24
N PRO A 253 9.69 -10.14 20.13
CA PRO A 253 8.66 -10.23 21.17
C PRO A 253 9.16 -10.37 22.60
N ASP A 254 10.28 -11.06 22.78
CA ASP A 254 10.84 -11.26 24.12
C ASP A 254 11.24 -9.92 24.73
N LEU A 255 11.55 -8.96 23.87
CA LEU A 255 11.98 -7.63 24.32
C LEU A 255 10.84 -6.72 24.78
N VAL A 256 9.67 -6.90 24.19
CA VAL A 256 8.48 -6.11 24.49
C VAL A 256 7.69 -6.57 25.74
N LEU A 257 8.00 -5.97 26.89
CA LEU A 257 7.31 -6.28 28.14
C LEU A 257 5.95 -5.60 28.15
N GLU A 258 4.93 -6.34 28.59
CA GLU A 258 3.57 -5.82 28.65
C GLU A 258 2.90 -6.07 30.00
N VAL A 259 1.91 -5.25 30.32
CA VAL A 259 1.17 -5.36 31.56
C VAL A 259 -0.28 -5.66 31.24
N THR A 260 -0.82 -6.70 31.86
CA THR A 260 -2.22 -7.08 31.64
C THR A 260 -3.10 -6.31 32.63
N MET A 261 -4.16 -5.69 32.13
CA MET A 261 -5.02 -4.89 33.00
C MET A 261 -5.98 -5.66 33.92
N GLU A 262 -5.85 -5.42 35.22
CA GLU A 262 -6.67 -6.05 36.25
C GLU A 262 -7.14 -5.04 37.28
N HIS A 263 -8.45 -5.02 37.56
CA HIS A 263 -8.99 -4.13 38.57
C HIS A 263 -8.98 -4.88 39.90
N PRO A 264 -8.57 -4.20 40.99
CA PRO A 264 -8.54 -4.88 42.28
C PRO A 264 -9.90 -5.20 42.91
N LYS A 265 -10.99 -4.86 42.23
CA LYS A 265 -12.33 -5.13 42.73
C LYS A 265 -13.22 -5.71 41.64
N TYR A 266 -13.28 -5.03 40.50
CA TYR A 266 -14.10 -5.46 39.38
C TYR A 266 -13.43 -6.61 38.62
N GLU A 267 -13.77 -7.85 38.97
CA GLU A 267 -13.19 -9.01 38.32
C GLU A 267 -13.49 -9.09 36.83
N TRP A 268 -14.53 -8.37 36.40
CA TRP A 268 -14.92 -8.33 34.99
C TRP A 268 -13.99 -7.43 34.18
N PHE A 269 -13.06 -6.76 34.87
CA PHE A 269 -12.14 -5.87 34.17
C PHE A 269 -11.19 -6.65 33.27
N GLN A 270 -10.65 -7.78 33.76
CA GLN A 270 -9.76 -8.57 32.91
C GLN A 270 -10.47 -9.14 31.69
N GLU A 271 -11.81 -9.19 31.75
CA GLU A 271 -12.63 -9.69 30.64
C GLU A 271 -12.58 -8.71 29.49
N LEU A 272 -12.06 -7.52 29.76
CA LEU A 272 -11.93 -6.49 28.74
C LEU A 272 -10.78 -6.88 27.82
N GLY A 273 -9.87 -7.70 28.35
CA GLY A 273 -8.72 -8.18 27.60
C GLY A 273 -7.82 -7.04 27.16
N LEU A 274 -7.46 -6.18 28.11
CA LEU A 274 -6.63 -5.03 27.82
C LEU A 274 -5.24 -5.16 28.42
N LYS A 275 -4.30 -4.46 27.79
CA LYS A 275 -2.92 -4.43 28.24
C LYS A 275 -2.22 -3.24 27.59
N TRP A 276 -0.97 -3.03 27.98
CA TRP A 276 -0.19 -1.95 27.41
C TRP A 276 1.29 -2.22 27.63
N TYR A 277 2.12 -1.73 26.73
CA TYR A 277 3.56 -1.91 26.86
C TYR A 277 4.09 -1.03 27.98
N ALA A 278 5.08 -1.52 28.70
CA ALA A 278 5.65 -0.78 29.81
C ALA A 278 6.71 0.25 29.42
N LEU A 279 7.05 0.32 28.13
CA LEU A 279 8.11 1.22 27.70
C LEU A 279 7.74 2.39 26.81
N PRO A 280 7.68 3.60 27.40
CA PRO A 280 7.34 4.80 26.65
C PRO A 280 8.68 5.33 26.10
N ALA A 281 8.87 5.20 24.79
CA ALA A 281 10.11 5.63 24.17
C ALA A 281 9.88 6.47 22.93
N VAL A 282 10.16 7.78 23.04
CA VAL A 282 9.98 8.70 21.92
C VAL A 282 11.05 8.40 20.90
N ALA A 283 10.63 8.20 19.66
CA ALA A 283 11.57 7.81 18.63
C ALA A 283 11.82 8.75 17.47
N ASN A 284 10.94 9.73 17.28
CA ASN A 284 11.06 10.65 16.16
C ASN A 284 11.54 12.09 16.42
N MET A 285 12.17 12.35 17.55
CA MET A 285 12.60 13.72 17.80
C MET A 285 14.05 14.02 17.46
N LEU A 286 14.32 15.29 17.20
CA LEU A 286 15.67 15.74 16.84
C LEU A 286 16.36 16.44 17.98
N LEU A 287 17.58 16.01 18.28
CA LEU A 287 18.37 16.63 19.34
C LEU A 287 19.26 17.74 18.76
N GLU A 288 19.07 18.96 19.25
CA GLU A 288 19.86 20.10 18.78
C GLU A 288 20.84 20.48 19.86
N VAL A 289 22.11 20.59 19.49
CA VAL A 289 23.13 20.98 20.43
C VAL A 289 24.34 21.63 19.76
N GLY A 290 24.66 22.85 20.21
CA GLY A 290 25.80 23.61 19.71
C GLY A 290 25.92 23.70 18.20
N GLY A 291 24.80 23.95 17.53
CA GLY A 291 24.84 24.05 16.08
C GLY A 291 24.66 22.71 15.39
N LEU A 292 24.91 21.62 16.11
CA LEU A 292 24.76 20.26 15.58
C LEU A 292 23.33 19.74 15.72
N GLU A 293 22.92 18.86 14.83
CA GLU A 293 21.58 18.27 14.85
C GLU A 293 21.65 16.74 14.75
N PHE A 294 20.90 16.07 15.61
CA PHE A 294 20.84 14.61 15.62
C PHE A 294 19.40 14.18 15.31
N PRO A 295 19.09 13.91 14.02
CA PRO A 295 17.76 13.51 13.57
C PRO A 295 17.28 12.15 14.07
N ALA A 296 18.14 11.42 14.77
CA ALA A 296 17.76 10.13 15.32
C ALA A 296 18.41 9.99 16.68
N CYS A 297 17.57 9.96 17.71
CA CYS A 297 18.04 9.87 19.09
C CYS A 297 16.86 9.41 19.95
N PRO A 298 16.42 8.15 19.78
CA PRO A 298 15.30 7.63 20.57
C PRO A 298 15.61 7.64 22.07
N PHE A 299 14.62 8.02 22.87
CA PHE A 299 14.80 8.08 24.31
C PHE A 299 13.55 7.63 25.06
N ASN A 300 13.74 7.23 26.30
CA ASN A 300 12.61 6.78 27.10
C ASN A 300 12.82 7.09 28.58
N GLY A 301 11.69 7.03 29.29
CA GLY A 301 11.68 7.20 30.73
C GLY A 301 10.65 6.15 31.14
N TRP A 302 9.86 6.41 32.17
CA TRP A 302 8.82 5.47 32.56
C TRP A 302 7.45 6.15 32.43
N TYR A 303 6.40 5.33 32.40
CA TYR A 303 5.03 5.80 32.25
C TYR A 303 4.39 6.51 33.45
N MET A 304 3.46 7.40 33.15
CA MET A 304 2.68 8.10 34.16
C MET A 304 1.30 7.53 33.86
N GLY A 305 0.72 6.89 34.86
CA GLY A 305 -0.58 6.24 34.74
C GLY A 305 -1.65 6.81 33.82
N THR A 306 -1.94 8.09 33.97
CA THR A 306 -2.96 8.75 33.16
C THR A 306 -2.73 8.67 31.67
N GLU A 307 -1.47 8.54 31.26
CA GLU A 307 -1.16 8.45 29.84
C GLU A 307 -1.86 7.22 29.23
N ILE A 308 -1.78 6.12 29.95
CA ILE A 308 -2.37 4.87 29.52
C ILE A 308 -3.86 4.86 29.83
N GLY A 309 -4.18 4.99 31.11
CA GLY A 309 -5.56 4.98 31.56
C GLY A 309 -6.47 6.02 30.93
N VAL A 310 -5.99 7.25 30.82
CA VAL A 310 -6.82 8.33 30.26
C VAL A 310 -6.67 8.58 28.76
N ARG A 311 -5.46 8.85 28.31
CA ARG A 311 -5.26 9.16 26.89
C ARG A 311 -5.35 7.94 25.98
N ASP A 312 -4.50 6.95 26.21
CA ASP A 312 -4.49 5.74 25.36
C ASP A 312 -5.82 4.99 25.37
N PHE A 313 -6.34 4.71 26.57
CA PHE A 313 -7.60 3.99 26.69
C PHE A 313 -8.88 4.80 26.49
N CYS A 314 -8.89 6.05 26.95
CA CYS A 314 -10.11 6.85 26.82
C CYS A 314 -10.30 7.90 25.72
N ASP A 315 -9.24 8.34 25.07
CA ASP A 315 -9.42 9.31 23.98
C ASP A 315 -10.33 8.68 22.94
N THR A 316 -11.27 9.45 22.38
CA THR A 316 -12.17 8.90 21.38
C THR A 316 -11.41 8.52 20.11
N GLN A 317 -10.28 9.18 19.86
CA GLN A 317 -9.46 8.91 18.68
C GLN A 317 -8.47 7.76 18.93
N ARG A 318 -8.55 7.17 20.12
CA ARG A 318 -7.69 6.05 20.48
C ARG A 318 -8.56 4.80 20.72
N TYR A 319 -8.26 4.06 21.79
CA TYR A 319 -9.01 2.86 22.11
C TYR A 319 -10.48 3.08 22.46
N ASN A 320 -10.82 4.28 22.95
CA ASN A 320 -12.18 4.68 23.28
C ASN A 320 -13.00 3.64 24.08
N ILE A 321 -12.45 3.15 25.18
CA ILE A 321 -13.13 2.13 25.99
C ILE A 321 -14.02 2.69 27.09
N LEU A 322 -14.18 4.00 27.14
CA LEU A 322 -14.94 4.65 28.21
C LEU A 322 -16.39 4.21 28.48
N GLU A 323 -17.25 4.28 27.47
CA GLU A 323 -18.65 3.87 27.65
C GLU A 323 -18.75 2.42 28.16
N GLU A 324 -17.97 1.54 27.54
CA GLU A 324 -17.95 0.13 27.88
C GLU A 324 -17.64 -0.11 29.35
N VAL A 325 -16.64 0.60 29.90
CA VAL A 325 -16.30 0.44 31.31
C VAL A 325 -17.41 1.03 32.18
N GLY A 326 -18.18 1.94 31.59
CA GLY A 326 -19.27 2.56 32.30
C GLY A 326 -20.40 1.57 32.51
N ARG A 327 -20.80 0.91 31.43
CA ARG A 327 -21.86 -0.08 31.46
C ARG A 327 -21.59 -1.17 32.48
N ARG A 328 -20.40 -1.77 32.40
CA ARG A 328 -20.01 -2.83 33.32
C ARG A 328 -20.13 -2.40 34.77
N MET A 329 -20.06 -1.09 35.01
CA MET A 329 -20.18 -0.53 36.36
C MET A 329 -21.63 -0.25 36.75
N GLY A 330 -22.52 -0.31 35.76
CA GLY A 330 -23.93 -0.06 35.97
C GLY A 330 -24.25 1.41 36.20
N LEU A 331 -23.64 2.26 35.38
CA LEU A 331 -23.83 3.70 35.49
C LEU A 331 -24.81 4.19 34.44
N GLU A 332 -25.44 5.33 34.70
CA GLU A 332 -26.41 5.92 33.77
C GLU A 332 -25.60 6.53 32.63
N THR A 333 -25.00 5.67 31.82
CA THR A 333 -24.17 6.09 30.70
C THR A 333 -24.89 6.85 29.59
N HIS A 334 -26.15 7.23 29.85
CA HIS A 334 -26.94 7.96 28.88
C HIS A 334 -27.32 9.35 29.38
N THR A 335 -26.83 9.67 30.58
CA THR A 335 -27.08 10.96 31.23
C THR A 335 -25.73 11.52 31.67
N LEU A 336 -25.22 12.50 30.91
CA LEU A 336 -23.93 13.15 31.20
C LEU A 336 -23.85 13.76 32.59
N ALA A 337 -24.95 14.37 33.03
CA ALA A 337 -24.98 15.01 34.35
C ALA A 337 -24.75 14.02 35.47
N SER A 338 -24.91 12.73 35.19
CA SER A 338 -24.70 11.70 36.21
C SER A 338 -23.22 11.58 36.55
N LEU A 339 -22.38 12.22 35.72
CA LEU A 339 -20.93 12.21 35.88
C LEU A 339 -20.36 10.79 35.75
N TRP A 340 -21.01 9.98 34.93
CA TRP A 340 -20.60 8.59 34.72
C TRP A 340 -19.20 8.51 34.14
N LYS A 341 -18.90 9.40 33.19
CA LYS A 341 -17.57 9.44 32.58
C LYS A 341 -16.51 9.69 33.65
N ASP A 342 -16.82 10.54 34.62
CA ASP A 342 -15.86 10.82 35.68
C ASP A 342 -15.64 9.56 36.50
N ARG A 343 -16.70 8.78 36.69
CA ARG A 343 -16.61 7.54 37.46
C ARG A 343 -15.74 6.46 36.80
N ALA A 344 -16.04 6.15 35.54
CA ALA A 344 -15.32 5.14 34.79
C ALA A 344 -13.83 5.40 34.68
N VAL A 345 -13.49 6.60 34.20
CA VAL A 345 -12.10 6.98 34.02
C VAL A 345 -11.23 6.78 35.25
N THR A 346 -11.80 6.95 36.42
CA THR A 346 -11.03 6.78 37.65
C THR A 346 -10.75 5.31 37.94
N GLU A 347 -11.73 4.45 37.62
CA GLU A 347 -11.55 3.02 37.83
C GLU A 347 -10.48 2.48 36.88
N ILE A 348 -10.51 2.95 35.63
CA ILE A 348 -9.51 2.58 34.64
C ILE A 348 -8.12 3.00 35.17
N ASN A 349 -8.02 4.22 35.71
CA ASN A 349 -6.75 4.70 36.23
C ASN A 349 -6.29 3.82 37.39
N VAL A 350 -7.24 3.38 38.22
CA VAL A 350 -6.92 2.53 39.35
C VAL A 350 -6.44 1.18 38.82
N ALA A 351 -7.08 0.70 37.76
CA ALA A 351 -6.72 -0.56 37.16
C ALA A 351 -5.25 -0.50 36.72
N VAL A 352 -4.94 0.51 35.89
CA VAL A 352 -3.59 0.71 35.37
C VAL A 352 -2.55 0.72 36.49
N LEU A 353 -2.73 1.60 37.47
CA LEU A 353 -1.79 1.69 38.58
C LEU A 353 -1.64 0.37 39.32
N HIS A 354 -2.77 -0.30 39.57
CA HIS A 354 -2.77 -1.58 40.26
C HIS A 354 -2.03 -2.65 39.44
N SER A 355 -2.36 -2.77 38.16
CA SER A 355 -1.71 -3.74 37.28
C SER A 355 -0.18 -3.59 37.24
N PHE A 356 0.31 -2.37 36.97
CA PHE A 356 1.75 -2.15 36.91
C PHE A 356 2.41 -2.49 38.24
N GLN A 357 1.82 -2.05 39.34
CA GLN A 357 2.38 -2.30 40.67
C GLN A 357 2.45 -3.79 41.02
N LYS A 358 1.40 -4.51 40.62
CA LYS A 358 1.30 -5.94 40.87
C LYS A 358 2.37 -6.70 40.09
N GLN A 359 2.49 -6.38 38.81
CA GLN A 359 3.46 -7.02 37.93
C GLN A 359 4.87 -6.46 38.02
N ASN A 360 5.15 -5.76 39.12
CA ASN A 360 6.45 -5.15 39.39
C ASN A 360 7.08 -4.29 38.29
N VAL A 361 6.22 -3.57 37.56
CA VAL A 361 6.65 -2.69 36.48
C VAL A 361 6.51 -1.22 36.91
N THR A 362 7.61 -0.48 36.84
CA THR A 362 7.65 0.93 37.22
C THR A 362 6.52 1.75 36.60
N ILE A 363 5.81 2.47 37.47
CA ILE A 363 4.71 3.33 37.06
C ILE A 363 4.63 4.46 38.09
N MET A 364 4.06 5.58 37.70
CA MET A 364 3.91 6.74 38.58
C MET A 364 2.54 7.36 38.34
N ASP A 365 1.83 7.64 39.44
CA ASP A 365 0.50 8.26 39.32
C ASP A 365 0.71 9.76 39.10
N HIS A 366 -0.30 10.40 38.51
CA HIS A 366 -0.22 11.83 38.22
C HIS A 366 -0.09 12.77 39.42
N HIS A 367 -0.65 12.39 40.57
CA HIS A 367 -0.55 13.24 41.76
C HIS A 367 0.90 13.31 42.24
N THR A 368 1.54 12.15 42.34
CA THR A 368 2.93 12.09 42.77
C THR A 368 3.84 12.75 41.73
N ALA A 369 3.46 12.65 40.45
CA ALA A 369 4.23 13.24 39.36
C ALA A 369 4.28 14.75 39.50
N SER A 370 3.11 15.35 39.76
CA SER A 370 2.98 16.80 39.94
C SER A 370 3.84 17.32 41.06
N GLU A 371 3.73 16.74 42.26
CA GLU A 371 4.53 17.21 43.39
C GLU A 371 5.99 17.14 43.04
N SER A 372 6.36 16.07 42.37
CA SER A 372 7.73 15.84 41.91
C SER A 372 8.17 16.98 40.98
N PHE A 373 7.33 17.33 40.02
CA PHE A 373 7.68 18.41 39.12
C PHE A 373 7.79 19.74 39.87
N MET A 374 6.84 20.00 40.78
CA MET A 374 6.85 21.24 41.57
C MET A 374 8.18 21.36 42.31
N LYS A 375 8.60 20.29 42.98
CA LYS A 375 9.87 20.29 43.70
C LYS A 375 11.00 20.58 42.71
N HIS A 376 10.91 19.97 41.53
CA HIS A 376 11.91 20.18 40.49
C HIS A 376 11.97 21.64 40.06
N MET A 377 10.80 22.21 39.77
CA MET A 377 10.69 23.60 39.36
C MET A 377 11.39 24.52 40.36
N GLN A 378 11.11 24.32 41.65
CA GLN A 378 11.71 25.11 42.71
C GLN A 378 13.22 24.96 42.74
N ASN A 379 13.71 23.74 42.48
CA ASN A 379 15.15 23.49 42.46
C ASN A 379 15.76 24.24 41.29
N GLU A 380 15.06 24.22 40.16
CA GLU A 380 15.53 24.87 38.94
C GLU A 380 15.64 26.37 39.06
N TYR A 381 14.68 26.99 39.75
CA TYR A 381 14.72 28.44 39.94
C TYR A 381 15.85 28.84 40.88
N ARG A 382 16.13 27.98 41.86
CA ARG A 382 17.21 28.25 42.80
C ARG A 382 18.55 28.01 42.10
N ALA A 383 18.62 26.96 41.27
CA ALA A 383 19.84 26.62 40.55
C ALA A 383 20.16 27.51 39.35
N ARG A 384 19.15 27.88 38.55
CA ARG A 384 19.41 28.73 37.40
C ARG A 384 18.37 29.79 37.04
N GLY A 385 17.50 30.12 37.99
CA GLY A 385 16.51 31.16 37.79
C GLY A 385 15.48 30.97 36.69
N GLY A 386 14.97 29.75 36.56
CA GLY A 386 13.97 29.48 35.55
C GLY A 386 13.80 28.00 35.25
N CYS A 387 12.67 27.70 34.61
CA CYS A 387 12.34 26.36 34.20
C CYS A 387 11.30 26.47 33.10
N PRO A 388 11.72 26.27 31.84
CA PRO A 388 10.78 26.35 30.71
C PRO A 388 9.66 25.35 30.97
N ALA A 389 8.41 25.79 30.86
CA ALA A 389 7.31 24.90 31.16
C ALA A 389 6.05 25.19 30.39
N ASP A 390 5.48 24.14 29.80
CA ASP A 390 4.26 24.27 29.03
C ASP A 390 3.08 23.75 29.86
N TRP A 391 2.38 24.68 30.50
CA TRP A 391 1.25 24.42 31.36
C TRP A 391 0.27 23.46 30.71
N ILE A 392 -0.02 23.71 29.44
CA ILE A 392 -0.98 22.91 28.70
C ILE A 392 -0.62 21.43 28.65
N TRP A 393 0.66 21.11 28.78
CA TRP A 393 1.09 19.73 28.73
C TRP A 393 1.39 19.20 30.12
N LEU A 394 1.87 20.07 30.98
CA LEU A 394 2.25 19.69 32.32
C LEU A 394 1.09 19.35 33.24
N VAL A 395 -0.10 19.86 32.92
CA VAL A 395 -1.26 19.58 33.74
C VAL A 395 -1.90 18.30 33.25
N PRO A 396 -2.06 17.31 34.15
CA PRO A 396 -2.66 16.00 33.86
C PRO A 396 -4.01 16.10 33.16
N PRO A 397 -4.35 15.07 32.36
CA PRO A 397 -5.61 15.01 31.61
C PRO A 397 -6.85 14.80 32.46
N VAL A 398 -6.66 14.61 33.77
CA VAL A 398 -7.77 14.48 34.72
C VAL A 398 -7.30 15.13 36.02
N SER A 399 -8.28 15.48 36.85
CA SER A 399 -8.05 16.11 38.16
C SER A 399 -7.13 17.33 38.10
N GLY A 400 -7.28 18.10 37.02
CA GLY A 400 -6.47 19.29 36.81
C GLY A 400 -6.15 20.15 38.02
N SER A 401 -7.14 20.90 38.51
CA SER A 401 -6.93 21.80 39.66
C SER A 401 -6.62 21.10 40.96
N ILE A 402 -6.81 19.78 41.00
CA ILE A 402 -6.50 19.01 42.19
C ILE A 402 -4.97 18.82 42.31
N THR A 403 -4.25 19.08 41.22
CA THR A 403 -2.79 18.96 41.23
C THR A 403 -2.16 20.33 41.44
N PRO A 404 -0.99 20.39 42.10
CA PRO A 404 -0.37 21.71 42.32
C PRO A 404 0.06 22.47 41.04
N VAL A 405 0.43 21.72 40.01
CA VAL A 405 0.88 22.31 38.74
C VAL A 405 -0.13 23.26 38.10
N PHE A 406 -1.41 22.99 38.31
CA PHE A 406 -2.49 23.81 37.77
C PHE A 406 -2.47 25.25 38.27
N HIS A 407 -2.07 25.44 39.52
CA HIS A 407 -2.03 26.78 40.12
C HIS A 407 -0.70 27.45 39.99
N GLN A 408 0.18 26.86 39.18
CA GLN A 408 1.52 27.42 38.99
C GLN A 408 1.65 28.15 37.67
N GLU A 409 1.86 29.46 37.74
CA GLU A 409 2.06 30.25 36.52
C GLU A 409 3.40 29.80 35.94
N MET A 410 3.46 29.65 34.62
CA MET A 410 4.68 29.17 33.97
C MET A 410 5.07 29.97 32.76
N LEU A 411 6.33 29.83 32.41
CA LEU A 411 6.92 30.51 31.26
C LEU A 411 7.43 29.44 30.28
N ASN A 412 6.91 29.50 29.07
CA ASN A 412 7.27 28.55 28.04
C ASN A 412 8.26 29.17 27.05
N TYR A 413 9.47 28.63 27.01
CA TYR A 413 10.49 29.14 26.09
C TYR A 413 11.46 28.05 25.64
N VAL A 414 12.04 28.25 24.45
CA VAL A 414 12.96 27.29 23.85
C VAL A 414 14.43 27.59 24.10
N LEU A 415 15.09 26.74 24.87
CA LEU A 415 16.51 26.92 25.17
C LEU A 415 17.34 26.05 24.24
N SER A 416 18.60 25.85 24.60
CA SER A 416 19.53 25.01 23.83
C SER A 416 20.52 24.48 24.83
N PRO A 417 20.81 23.16 24.80
CA PRO A 417 20.30 22.08 23.94
C PRO A 417 18.78 21.89 24.03
N PHE A 418 18.19 21.29 23.00
CA PHE A 418 16.75 21.12 22.96
C PHE A 418 16.34 19.93 22.07
N TYR A 419 15.18 19.36 22.38
CA TYR A 419 14.60 18.26 21.62
C TYR A 419 13.49 18.87 20.78
N TYR A 420 13.67 18.88 19.47
CA TYR A 420 12.67 19.43 18.57
C TYR A 420 11.86 18.35 17.87
N TYR A 421 10.72 18.74 17.32
CA TYR A 421 9.91 17.85 16.52
C TYR A 421 10.54 17.89 15.12
N GLN A 422 10.17 16.97 14.25
CA GLN A 422 10.71 16.95 12.90
C GLN A 422 9.52 16.79 11.96
N ILE A 423 9.70 17.14 10.69
CA ILE A 423 8.63 16.98 9.72
C ILE A 423 8.61 15.48 9.46
N GLU A 424 7.42 14.89 9.36
CA GLU A 424 7.34 13.45 9.13
C GLU A 424 8.13 13.05 7.88
N PRO A 425 9.08 12.11 8.04
CA PRO A 425 9.94 11.60 6.96
C PRO A 425 9.28 11.25 5.64
N TRP A 426 8.15 10.53 5.68
CA TRP A 426 7.46 10.16 4.45
C TRP A 426 6.97 11.34 3.60
N LYS A 427 7.02 12.54 4.18
CA LYS A 427 6.58 13.74 3.46
C LYS A 427 7.71 14.42 2.71
N THR A 428 8.94 14.19 3.15
CA THR A 428 10.10 14.83 2.52
C THR A 428 11.14 13.88 1.90
N HIS A 429 11.13 12.63 2.34
CA HIS A 429 12.08 11.65 1.85
C HIS A 429 12.07 11.43 0.34
N ILE A 430 13.27 11.47 -0.25
CA ILE A 430 13.45 11.26 -1.68
C ILE A 430 13.82 9.79 -1.85
N TRP A 431 12.92 9.02 -2.44
CA TRP A 431 13.12 7.59 -2.64
C TRP A 431 14.22 7.26 -3.66
N GLN A 432 14.92 6.15 -3.42
CA GLN A 432 15.99 5.69 -4.30
C GLN A 432 15.42 4.71 -5.33
N ASN A 433 14.86 3.61 -4.84
CA ASN A 433 14.27 2.57 -5.70
C ASN A 433 12.82 2.29 -5.29
N GLN B 13 4.41 -25.36 -51.39
CA GLN B 13 4.68 -26.23 -50.24
C GLN B 13 3.65 -25.98 -49.14
N TYR B 14 3.24 -27.06 -48.46
CA TYR B 14 2.26 -26.98 -47.39
C TYR B 14 2.56 -28.02 -46.33
N VAL B 15 1.89 -27.92 -45.19
CA VAL B 15 2.06 -28.88 -44.12
C VAL B 15 0.79 -29.70 -44.06
N ARG B 16 0.94 -31.02 -44.03
CA ARG B 16 -0.23 -31.89 -43.98
C ARG B 16 -0.70 -31.98 -42.54
N ILE B 17 -1.98 -31.66 -42.33
CA ILE B 17 -2.60 -31.70 -41.02
C ILE B 17 -3.70 -32.76 -41.03
N LYS B 18 -3.70 -33.62 -40.02
CA LYS B 18 -4.69 -34.69 -39.95
C LYS B 18 -5.63 -34.63 -38.76
N ASN B 19 -6.88 -35.02 -38.99
CA ASN B 19 -7.88 -35.09 -37.94
C ASN B 19 -8.04 -36.59 -37.70
N TRP B 20 -7.68 -37.05 -36.52
CA TRP B 20 -7.77 -38.47 -36.21
C TRP B 20 -9.15 -39.01 -35.93
N GLY B 21 -10.13 -38.11 -35.93
CA GLY B 21 -11.50 -38.53 -35.68
C GLY B 21 -12.25 -38.81 -36.97
N SER B 22 -11.93 -38.05 -38.02
CA SER B 22 -12.59 -38.21 -39.31
C SER B 22 -11.67 -38.61 -40.45
N GLY B 23 -10.37 -38.71 -40.18
CA GLY B 23 -9.41 -39.08 -41.21
C GLY B 23 -9.15 -37.95 -42.21
N GLU B 24 -9.97 -36.92 -42.17
CA GLU B 24 -9.86 -35.78 -43.07
C GLU B 24 -8.48 -35.09 -43.01
N ILE B 25 -7.98 -34.70 -44.17
CA ILE B 25 -6.68 -34.04 -44.27
C ILE B 25 -6.82 -32.61 -44.79
N LEU B 26 -5.98 -31.72 -44.25
CA LEU B 26 -5.97 -30.32 -44.65
C LEU B 26 -4.54 -29.93 -44.93
N HIS B 27 -4.35 -28.96 -45.84
CA HIS B 27 -3.02 -28.50 -46.21
C HIS B 27 -2.85 -27.05 -45.78
N ASP B 28 -1.87 -26.79 -44.91
CA ASP B 28 -1.65 -25.43 -44.45
C ASP B 28 -0.63 -24.65 -45.27
N THR B 29 -1.09 -23.62 -45.95
CA THR B 29 -0.21 -22.76 -46.74
C THR B 29 -0.04 -21.42 -46.04
N LEU B 30 -1.02 -21.04 -45.22
CA LEU B 30 -1.03 -19.77 -44.50
C LEU B 30 0.14 -19.55 -43.55
N HIS B 31 0.67 -20.62 -42.97
CA HIS B 31 1.80 -20.50 -42.05
C HIS B 31 3.00 -19.79 -42.70
N HIS B 32 3.01 -19.72 -44.04
CA HIS B 32 4.08 -19.05 -44.76
C HIS B 32 4.02 -17.55 -44.52
N LYS B 33 2.81 -17.05 -44.27
CA LYS B 33 2.57 -15.64 -44.01
C LYS B 33 2.95 -15.26 -42.58
N ALA B 34 3.46 -16.24 -41.82
CA ALA B 34 3.86 -16.01 -40.43
C ALA B 34 4.88 -14.88 -40.35
N THR B 35 4.35 -13.68 -40.14
CA THR B 35 5.15 -12.46 -40.07
C THR B 35 6.07 -12.42 -38.86
N SER B 36 6.39 -13.61 -38.36
CA SER B 36 7.25 -13.75 -37.20
C SER B 36 7.77 -15.18 -37.07
N LEU B 46 9.72 -24.61 -26.21
CA LEU B 46 8.70 -23.84 -25.41
C LEU B 46 7.33 -24.54 -25.43
N GLY B 47 7.24 -25.68 -24.73
CA GLY B 47 6.00 -26.45 -24.70
C GLY B 47 4.74 -25.76 -24.27
N SER B 48 4.45 -25.81 -22.97
CA SER B 48 3.25 -25.18 -22.43
C SER B 48 3.51 -23.90 -21.66
N ILE B 49 4.27 -22.98 -22.25
CA ILE B 49 4.55 -21.71 -21.59
C ILE B 49 3.36 -20.77 -21.75
N MET B 50 2.90 -20.23 -20.62
CA MET B 50 1.76 -19.34 -20.56
C MET B 50 1.99 -17.99 -21.27
N ASN B 51 3.02 -17.27 -20.84
CA ASN B 51 3.34 -15.97 -21.41
C ASN B 51 4.74 -15.87 -22.02
N PRO B 52 4.95 -16.50 -23.19
CA PRO B 52 6.27 -16.45 -23.84
C PRO B 52 6.47 -15.09 -24.49
N LYS B 53 7.73 -14.74 -24.73
CA LYS B 53 8.07 -13.46 -25.36
C LYS B 53 7.53 -13.35 -26.79
N SER B 54 7.42 -14.48 -27.48
CA SER B 54 6.90 -14.49 -28.84
C SER B 54 5.47 -13.94 -28.91
N LEU B 55 4.76 -13.98 -27.78
CA LEU B 55 3.39 -13.50 -27.76
C LEU B 55 3.24 -12.18 -26.99
N THR B 56 4.39 -11.59 -26.63
CA THR B 56 4.42 -10.34 -25.89
C THR B 56 5.07 -9.19 -26.65
N ARG B 57 4.37 -8.07 -26.70
CA ARG B 57 4.88 -6.87 -27.36
C ARG B 57 5.06 -5.85 -26.24
N GLY B 58 6.32 -5.68 -25.83
CA GLY B 58 6.65 -4.78 -24.74
C GLY B 58 6.64 -3.28 -25.01
N PRO B 59 7.13 -2.49 -24.05
CA PRO B 59 7.21 -1.03 -24.10
C PRO B 59 8.30 -0.44 -25.00
N ARG B 60 8.24 0.86 -25.21
CA ARG B 60 9.20 1.60 -26.04
C ARG B 60 9.44 3.01 -25.46
N ASP B 61 10.61 3.57 -25.71
CA ASP B 61 10.94 4.92 -25.25
C ASP B 61 11.25 5.84 -26.44
N LYS B 62 11.15 5.26 -27.65
CA LYS B 62 11.42 5.96 -28.90
C LYS B 62 10.40 5.44 -29.93
N PRO B 63 10.05 6.25 -30.94
CA PRO B 63 9.09 5.81 -31.95
C PRO B 63 9.66 4.65 -32.78
N THR B 64 8.78 3.87 -33.40
CA THR B 64 9.22 2.74 -34.20
C THR B 64 10.06 3.20 -35.39
N PRO B 65 11.28 2.65 -35.51
CA PRO B 65 12.20 2.98 -36.60
C PRO B 65 11.56 2.85 -37.98
N LEU B 66 11.94 3.76 -38.86
CA LEU B 66 11.44 3.83 -40.22
C LEU B 66 11.58 2.52 -41.00
N GLU B 67 12.81 1.99 -41.07
CA GLU B 67 13.09 0.75 -41.81
C GLU B 67 12.31 -0.48 -41.37
N GLU B 68 11.73 -0.40 -40.16
CA GLU B 68 10.96 -1.49 -39.59
C GLU B 68 9.45 -1.23 -39.82
N LEU B 69 9.03 0.00 -39.59
CA LEU B 69 7.63 0.39 -39.73
C LEU B 69 7.11 0.38 -41.17
N LEU B 70 7.87 1.01 -42.07
CA LEU B 70 7.48 1.11 -43.46
C LEU B 70 7.07 -0.19 -44.16
N PRO B 71 7.86 -1.27 -44.04
CA PRO B 71 7.50 -2.55 -44.69
C PRO B 71 6.22 -3.15 -44.11
N HIS B 72 6.05 -3.03 -42.80
CA HIS B 72 4.88 -3.54 -42.08
C HIS B 72 3.60 -2.82 -42.53
N ALA B 73 3.69 -1.50 -42.68
CA ALA B 73 2.57 -0.67 -43.12
C ALA B 73 2.10 -1.05 -44.53
N ILE B 74 3.05 -1.19 -45.45
CA ILE B 74 2.76 -1.55 -46.83
C ILE B 74 2.08 -2.92 -46.88
N GLU B 75 2.59 -3.84 -46.07
CA GLU B 75 2.04 -5.19 -45.98
C GLU B 75 0.56 -5.11 -45.53
N PHE B 76 0.31 -4.30 -44.50
CA PHE B 76 -1.06 -4.14 -44.01
C PHE B 76 -1.97 -3.55 -45.08
N ILE B 77 -1.54 -2.45 -45.68
CA ILE B 77 -2.31 -1.81 -46.75
C ILE B 77 -2.61 -2.81 -47.87
N ASN B 78 -1.64 -3.66 -48.20
CA ASN B 78 -1.85 -4.67 -49.24
C ASN B 78 -2.93 -5.67 -48.81
N GLN B 79 -2.80 -6.17 -47.59
CA GLN B 79 -3.76 -7.13 -47.03
C GLN B 79 -5.17 -6.56 -47.02
N TYR B 80 -5.29 -5.29 -46.61
CA TYR B 80 -6.57 -4.59 -46.57
C TYR B 80 -7.23 -4.53 -47.94
N TYR B 81 -6.59 -3.85 -48.89
CA TYR B 81 -7.15 -3.73 -50.24
C TYR B 81 -7.31 -5.07 -50.91
N GLY B 82 -6.59 -6.07 -50.43
CA GLY B 82 -6.68 -7.40 -51.01
C GLY B 82 -7.86 -8.20 -50.54
N SER B 83 -8.55 -7.71 -49.50
CA SER B 83 -9.71 -8.40 -48.95
C SER B 83 -11.04 -8.08 -49.64
N PHE B 84 -11.03 -7.14 -50.57
CA PHE B 84 -12.23 -6.75 -51.31
C PHE B 84 -12.56 -7.80 -52.37
N LYS B 85 -13.86 -7.99 -52.64
CA LYS B 85 -14.27 -8.93 -53.67
C LYS B 85 -14.03 -8.23 -55.01
N GLU B 86 -14.29 -6.92 -55.04
CA GLU B 86 -14.09 -6.08 -56.21
C GLU B 86 -12.87 -5.20 -55.97
N ALA B 87 -11.73 -5.61 -56.52
CA ALA B 87 -10.48 -4.88 -56.35
C ALA B 87 -10.50 -3.43 -56.82
N LYS B 88 -9.99 -2.54 -55.97
CA LYS B 88 -9.91 -1.12 -56.29
C LYS B 88 -8.45 -0.74 -56.49
N ILE B 89 -7.93 -1.13 -57.64
CA ILE B 89 -6.54 -0.89 -58.04
C ILE B 89 -6.12 0.56 -57.82
N GLU B 90 -6.98 1.47 -58.25
CA GLU B 90 -6.71 2.90 -58.14
C GLU B 90 -6.46 3.36 -56.70
N GLU B 91 -7.44 3.11 -55.84
CA GLU B 91 -7.37 3.51 -54.43
C GLU B 91 -6.24 2.82 -53.68
N HIS B 92 -6.06 1.53 -53.94
CA HIS B 92 -5.01 0.71 -53.34
C HIS B 92 -3.66 1.39 -53.52
N LEU B 93 -3.35 1.71 -54.76
CA LEU B 93 -2.09 2.35 -55.11
C LEU B 93 -1.94 3.75 -54.49
N ALA B 94 -3.02 4.53 -54.52
CA ALA B 94 -2.98 5.88 -53.97
C ALA B 94 -2.75 5.87 -52.45
N ARG B 95 -3.29 4.85 -51.78
CA ARG B 95 -3.14 4.69 -50.34
C ARG B 95 -1.71 4.24 -50.03
N LEU B 96 -1.19 3.35 -50.87
CA LEU B 96 0.18 2.85 -50.70
C LEU B 96 1.16 4.00 -50.76
N GLU B 97 0.94 4.89 -51.74
CA GLU B 97 1.77 6.07 -51.92
C GLU B 97 1.61 7.06 -50.77
N ALA B 98 0.36 7.29 -50.35
CA ALA B 98 0.03 8.20 -49.27
C ALA B 98 0.63 7.78 -47.92
N VAL B 99 0.42 6.51 -47.56
CA VAL B 99 0.95 5.98 -46.30
C VAL B 99 2.47 6.04 -46.28
N THR B 100 3.10 5.68 -47.40
CA THR B 100 4.55 5.70 -47.53
C THR B 100 5.11 7.09 -47.27
N LYS B 101 4.44 8.09 -47.82
CA LYS B 101 4.86 9.48 -47.67
C LYS B 101 4.62 9.99 -46.26
N GLU B 102 3.46 9.64 -45.69
CA GLU B 102 3.11 10.06 -44.35
C GLU B 102 4.15 9.57 -43.35
N ILE B 103 4.56 8.31 -43.52
CA ILE B 103 5.57 7.68 -42.65
C ILE B 103 6.96 8.33 -42.79
N GLU B 104 7.38 8.62 -44.02
CA GLU B 104 8.67 9.25 -44.26
C GLU B 104 8.74 10.70 -43.78
N THR B 105 7.62 11.42 -43.88
CA THR B 105 7.59 12.82 -43.45
C THR B 105 7.26 13.04 -41.97
N THR B 106 6.43 12.16 -41.40
CA THR B 106 6.04 12.31 -39.99
C THR B 106 6.59 11.25 -39.05
N GLY B 107 7.15 10.18 -39.60
CA GLY B 107 7.71 9.11 -38.79
C GLY B 107 6.69 8.08 -38.32
N THR B 108 5.44 8.24 -38.76
CA THR B 108 4.36 7.34 -38.39
C THR B 108 3.17 7.60 -39.30
N TYR B 109 2.03 6.96 -39.03
CA TYR B 109 0.84 7.16 -39.85
C TYR B 109 -0.45 6.81 -39.14
N GLN B 110 -1.55 7.27 -39.73
CA GLN B 110 -2.88 7.05 -39.19
C GLN B 110 -3.71 6.15 -40.10
N LEU B 111 -4.49 5.28 -39.48
CA LEU B 111 -5.39 4.37 -40.20
C LEU B 111 -6.75 5.03 -40.45
N THR B 112 -7.48 4.55 -41.45
CA THR B 112 -8.82 5.06 -41.72
C THR B 112 -9.76 4.20 -40.87
N LEU B 113 -10.97 4.68 -40.60
CA LEU B 113 -11.92 3.91 -39.79
C LEU B 113 -12.12 2.48 -40.35
N ASP B 114 -12.36 2.38 -41.67
CA ASP B 114 -12.56 1.08 -42.32
C ASP B 114 -11.36 0.13 -42.16
N GLU B 115 -10.15 0.69 -42.21
CA GLU B 115 -8.94 -0.10 -42.04
C GLU B 115 -8.85 -0.63 -40.61
N LEU B 116 -9.16 0.23 -39.64
CA LEU B 116 -9.11 -0.15 -38.22
C LEU B 116 -10.14 -1.25 -37.95
N ILE B 117 -11.35 -1.08 -38.47
CA ILE B 117 -12.40 -2.06 -38.28
C ILE B 117 -11.90 -3.41 -38.81
N PHE B 118 -11.36 -3.37 -40.03
CA PHE B 118 -10.81 -4.54 -40.71
C PHE B 118 -9.70 -5.17 -39.86
N ALA B 119 -8.86 -4.32 -39.28
CA ALA B 119 -7.73 -4.77 -38.46
C ALA B 119 -8.14 -5.49 -37.18
N THR B 120 -9.13 -4.95 -36.48
CA THR B 120 -9.60 -5.54 -35.22
C THR B 120 -10.19 -6.93 -35.43
N LYS B 121 -10.94 -7.09 -36.50
CA LYS B 121 -11.54 -8.38 -36.83
C LYS B 121 -10.48 -9.40 -37.26
N MET B 122 -9.51 -8.97 -38.07
CA MET B 122 -8.44 -9.85 -38.53
C MET B 122 -7.60 -10.30 -37.33
N ALA B 123 -7.27 -9.37 -36.45
CA ALA B 123 -6.49 -9.71 -35.27
C ALA B 123 -7.23 -10.78 -34.43
N TRP B 124 -8.55 -10.70 -34.42
CA TRP B 124 -9.37 -11.66 -33.69
C TRP B 124 -9.29 -12.97 -34.45
N ARG B 125 -9.48 -12.85 -35.77
CA ARG B 125 -9.40 -13.99 -36.68
C ARG B 125 -8.05 -14.71 -36.53
N ASN B 126 -7.01 -13.94 -36.22
CA ASN B 126 -5.65 -14.46 -36.04
C ASN B 126 -5.28 -14.82 -34.60
N ALA B 127 -6.25 -14.84 -33.68
CA ALA B 127 -5.96 -15.18 -32.28
C ALA B 127 -5.94 -16.70 -32.15
N PRO B 128 -4.74 -17.28 -32.08
CA PRO B 128 -4.57 -18.75 -31.98
C PRO B 128 -5.23 -19.39 -30.76
N ARG B 129 -5.44 -18.57 -29.74
CA ARG B 129 -6.00 -19.10 -28.50
C ARG B 129 -7.50 -18.95 -28.33
N CYS B 130 -8.19 -18.38 -29.31
CA CYS B 130 -9.63 -18.17 -29.21
C CYS B 130 -10.48 -19.25 -29.90
N ILE B 131 -11.39 -19.86 -29.13
CA ILE B 131 -12.28 -20.91 -29.64
C ILE B 131 -13.50 -20.32 -30.32
N GLY B 132 -13.81 -19.07 -29.99
CA GLY B 132 -15.00 -18.43 -30.55
C GLY B 132 -14.83 -17.70 -31.86
N ARG B 133 -13.71 -17.93 -32.54
CA ARG B 133 -13.43 -17.23 -33.80
C ARG B 133 -14.38 -17.35 -34.97
N ILE B 134 -15.42 -18.18 -34.86
CA ILE B 134 -16.36 -18.27 -35.97
C ILE B 134 -17.15 -16.95 -36.07
N GLN B 135 -17.14 -16.21 -34.97
CA GLN B 135 -17.83 -14.92 -34.84
C GLN B 135 -16.97 -13.72 -35.25
N TRP B 136 -15.74 -13.97 -35.71
CA TRP B 136 -14.80 -12.92 -36.08
C TRP B 136 -15.30 -11.71 -36.89
N SER B 137 -16.18 -11.93 -37.86
CA SER B 137 -16.69 -10.82 -38.65
C SER B 137 -17.75 -9.97 -37.94
N ASN B 138 -18.25 -10.48 -36.80
CA ASN B 138 -19.28 -9.79 -36.00
C ASN B 138 -18.68 -9.06 -34.81
N LEU B 139 -18.10 -7.89 -35.06
CA LEU B 139 -17.49 -7.12 -34.00
C LEU B 139 -17.86 -5.64 -34.11
N GLN B 140 -18.34 -5.08 -33.01
CA GLN B 140 -18.71 -3.68 -32.96
C GLN B 140 -17.43 -2.95 -32.59
N VAL B 141 -17.12 -1.89 -33.35
CA VAL B 141 -15.89 -1.13 -33.09
C VAL B 141 -16.12 0.29 -32.59
N PHE B 142 -15.56 0.59 -31.42
CA PHE B 142 -15.68 1.93 -30.86
C PHE B 142 -14.35 2.68 -31.00
N ASP B 143 -14.36 3.64 -31.92
CA ASP B 143 -13.20 4.47 -32.23
C ASP B 143 -13.00 5.58 -31.19
N ALA B 144 -12.10 5.34 -30.25
CA ALA B 144 -11.79 6.30 -29.21
C ALA B 144 -10.36 6.81 -29.36
N ARG B 145 -9.90 6.92 -30.59
CA ARG B 145 -8.54 7.38 -30.85
C ARG B 145 -8.37 8.88 -30.55
N ASN B 146 -9.49 9.60 -30.50
CA ASN B 146 -9.49 11.04 -30.22
C ASN B 146 -9.45 11.30 -28.72
N CYS B 147 -9.58 10.23 -27.92
CA CYS B 147 -9.57 10.31 -26.46
C CYS B 147 -8.27 10.93 -25.93
N SER B 148 -8.33 11.65 -24.82
CA SER B 148 -7.13 12.27 -24.25
C SER B 148 -7.01 12.24 -22.74
N THR B 149 -8.10 11.99 -22.03
CA THR B 149 -8.04 11.94 -20.58
C THR B 149 -8.60 10.66 -19.98
N ALA B 150 -8.20 10.37 -18.75
CA ALA B 150 -8.65 9.18 -18.03
C ALA B 150 -10.17 9.22 -17.87
N GLN B 151 -10.72 10.41 -17.60
CA GLN B 151 -12.16 10.58 -17.43
C GLN B 151 -12.87 10.21 -18.74
N GLU B 152 -12.27 10.59 -19.85
CA GLU B 152 -12.84 10.28 -21.15
C GLU B 152 -12.72 8.77 -21.40
N MET B 153 -11.60 8.18 -20.98
CA MET B 153 -11.37 6.73 -21.13
C MET B 153 -12.49 6.02 -20.39
N PHE B 154 -12.61 6.34 -19.10
CA PHE B 154 -13.63 5.77 -18.22
C PHE B 154 -15.02 5.86 -18.85
N GLN B 155 -15.33 6.98 -19.47
CA GLN B 155 -16.63 7.15 -20.10
C GLN B 155 -16.78 6.20 -21.28
N HIS B 156 -15.69 6.02 -22.03
CA HIS B 156 -15.70 5.13 -23.18
C HIS B 156 -15.88 3.68 -22.74
N ILE B 157 -15.16 3.29 -21.70
CA ILE B 157 -15.25 1.95 -21.16
C ILE B 157 -16.67 1.64 -20.67
N CYS B 158 -17.33 2.62 -20.04
CA CYS B 158 -18.71 2.44 -19.56
C CYS B 158 -19.64 2.24 -20.74
N ARG B 159 -19.47 3.04 -21.78
CA ARG B 159 -20.32 2.92 -22.96
C ARG B 159 -20.14 1.54 -23.58
N HIS B 160 -18.92 1.02 -23.48
CA HIS B 160 -18.59 -0.29 -24.01
C HIS B 160 -19.34 -1.36 -23.21
N ILE B 161 -19.10 -1.38 -21.91
CA ILE B 161 -19.74 -2.34 -21.02
C ILE B 161 -21.25 -2.36 -21.20
N LEU B 162 -21.85 -1.18 -21.29
CA LEU B 162 -23.29 -1.04 -21.48
C LEU B 162 -23.77 -1.62 -22.80
N TYR B 163 -23.04 -1.34 -23.88
CA TYR B 163 -23.39 -1.83 -25.21
C TYR B 163 -23.24 -3.35 -25.30
N ALA B 164 -22.07 -3.81 -24.86
CA ALA B 164 -21.72 -5.21 -24.87
C ALA B 164 -22.70 -6.07 -24.09
N THR B 165 -23.06 -5.64 -22.87
CA THR B 165 -23.98 -6.37 -22.02
C THR B 165 -25.36 -6.52 -22.64
N ASN B 166 -25.92 -5.43 -23.17
CA ASN B 166 -27.22 -5.44 -23.82
C ASN B 166 -28.29 -6.22 -23.04
N ASN B 167 -28.27 -6.08 -21.72
CA ASN B 167 -29.23 -6.74 -20.85
C ASN B 167 -29.24 -8.27 -21.01
N GLY B 168 -28.06 -8.88 -20.92
CA GLY B 168 -27.96 -10.32 -21.06
C GLY B 168 -27.74 -10.82 -22.48
N ASN B 169 -28.21 -10.10 -23.50
CA ASN B 169 -28.00 -10.54 -24.88
C ASN B 169 -26.62 -10.04 -25.34
N ILE B 170 -25.58 -10.54 -24.70
CA ILE B 170 -24.18 -10.15 -24.97
C ILE B 170 -23.80 -9.93 -26.44
N ARG B 171 -23.11 -8.83 -26.69
CA ARG B 171 -22.65 -8.45 -28.02
C ARG B 171 -21.14 -8.20 -27.98
N SER B 172 -20.46 -8.74 -28.98
CA SER B 172 -19.01 -8.62 -29.10
C SER B 172 -18.67 -7.20 -29.55
N ALA B 173 -17.71 -6.60 -28.89
CA ALA B 173 -17.29 -5.26 -29.23
C ALA B 173 -15.88 -4.99 -28.77
N ILE B 174 -15.29 -3.94 -29.34
CA ILE B 174 -13.94 -3.51 -28.98
C ILE B 174 -13.84 -1.98 -28.98
N THR B 175 -13.05 -1.44 -28.06
CA THR B 175 -12.87 0.00 -27.99
C THR B 175 -11.39 0.28 -28.22
N VAL B 176 -11.11 1.05 -29.26
CA VAL B 176 -9.73 1.37 -29.60
C VAL B 176 -9.31 2.77 -29.14
N PHE B 177 -8.31 2.81 -28.26
CA PHE B 177 -7.76 4.07 -27.75
C PHE B 177 -6.58 4.53 -28.62
N PRO B 178 -6.08 5.77 -28.41
CA PRO B 178 -4.95 6.28 -29.20
C PRO B 178 -3.73 5.38 -29.27
N GLN B 179 -3.24 5.18 -30.49
CA GLN B 179 -2.05 4.36 -30.75
C GLN B 179 -0.80 4.91 -30.05
N ARG B 180 0.15 4.02 -29.80
CA ARG B 180 1.41 4.41 -29.20
C ARG B 180 2.17 5.35 -30.14
N SER B 181 2.63 6.48 -29.61
CA SER B 181 3.38 7.46 -30.38
C SER B 181 4.87 7.25 -30.14
N ASP B 182 5.37 7.69 -28.99
CA ASP B 182 6.78 7.51 -28.67
C ASP B 182 7.02 6.51 -27.54
N GLY B 183 5.93 5.92 -27.03
CA GLY B 183 6.07 4.95 -25.96
C GLY B 183 6.08 5.56 -24.57
N LYS B 184 6.09 6.89 -24.49
CA LYS B 184 6.09 7.58 -23.21
C LYS B 184 4.72 8.18 -22.95
N HIS B 185 3.81 8.01 -23.90
CA HIS B 185 2.45 8.53 -23.79
C HIS B 185 1.40 7.45 -24.04
N ASP B 186 1.69 6.24 -23.55
CA ASP B 186 0.80 5.10 -23.72
C ASP B 186 -0.51 5.15 -22.94
N PHE B 187 -1.59 4.78 -23.60
CA PHE B 187 -2.89 4.68 -22.96
C PHE B 187 -2.90 3.20 -22.55
N ARG B 188 -3.18 2.92 -21.27
CA ARG B 188 -3.18 1.56 -20.76
C ARG B 188 -4.22 1.27 -19.68
N LEU B 189 -4.80 0.07 -19.72
CA LEU B 189 -5.73 -0.35 -18.70
C LEU B 189 -4.90 -1.27 -17.81
N TRP B 190 -4.91 -1.02 -16.51
CA TRP B 190 -4.13 -1.83 -15.60
C TRP B 190 -4.85 -3.10 -15.18
N ASN B 191 -6.13 -3.18 -15.54
CA ASN B 191 -6.96 -4.33 -15.24
C ASN B 191 -6.70 -5.45 -16.25
N SER B 192 -6.79 -6.70 -15.80
CA SER B 192 -6.62 -7.86 -16.67
C SER B 192 -7.90 -7.97 -17.49
N GLN B 193 -9.04 -7.78 -16.84
CA GLN B 193 -10.34 -7.79 -17.52
C GLN B 193 -11.15 -6.59 -17.04
N LEU B 194 -12.12 -6.15 -17.83
CA LEU B 194 -12.93 -5.00 -17.42
C LEU B 194 -13.64 -5.30 -16.11
N ILE B 195 -14.47 -6.35 -16.09
CA ILE B 195 -15.18 -6.78 -14.88
C ILE B 195 -14.35 -7.91 -14.28
N ARG B 196 -14.01 -7.80 -13.00
CA ARG B 196 -13.20 -8.81 -12.33
C ARG B 196 -13.43 -8.68 -10.82
N TYR B 197 -13.44 -9.80 -10.09
CA TYR B 197 -13.66 -9.77 -8.65
C TYR B 197 -12.39 -9.60 -7.85
N ALA B 198 -12.52 -8.94 -6.71
CA ALA B 198 -11.39 -8.68 -5.84
C ALA B 198 -11.01 -9.88 -4.97
N GLY B 199 -9.76 -9.92 -4.54
CA GLY B 199 -9.29 -10.99 -3.70
C GLY B 199 -8.50 -10.42 -2.55
N TYR B 200 -8.81 -10.86 -1.33
CA TYR B 200 -8.13 -10.34 -0.15
C TYR B 200 -7.51 -11.45 0.69
N GLN B 201 -6.30 -11.20 1.18
CA GLN B 201 -5.59 -12.14 2.03
C GLN B 201 -6.11 -11.90 3.45
N MET B 202 -7.29 -12.44 3.75
CA MET B 202 -7.93 -12.28 5.05
C MET B 202 -6.99 -12.57 6.22
N PRO B 203 -7.29 -11.99 7.40
CA PRO B 203 -6.55 -12.10 8.67
C PRO B 203 -6.16 -13.53 9.07
N ASP B 204 -7.15 -14.42 9.07
CA ASP B 204 -6.96 -15.83 9.44
C ASP B 204 -6.18 -16.72 8.48
N GLY B 205 -5.47 -16.12 7.53
CA GLY B 205 -4.67 -16.87 6.56
C GLY B 205 -5.42 -17.26 5.29
N THR B 206 -6.73 -17.43 5.41
CA THR B 206 -7.59 -17.81 4.29
C THR B 206 -7.75 -16.66 3.30
N ILE B 207 -7.88 -17.00 2.01
CA ILE B 207 -8.05 -15.98 0.98
C ILE B 207 -9.54 -15.84 0.69
N ARG B 208 -10.00 -14.62 0.45
CA ARG B 208 -11.40 -14.37 0.16
C ARG B 208 -11.57 -13.75 -1.22
N GLY B 209 -12.62 -14.15 -1.92
CA GLY B 209 -12.89 -13.65 -3.25
C GLY B 209 -12.16 -14.43 -4.36
N ASP B 210 -11.44 -13.70 -5.19
CA ASP B 210 -10.69 -14.30 -6.29
C ASP B 210 -9.19 -14.21 -5.99
N ALA B 211 -8.59 -15.34 -5.64
CA ALA B 211 -7.17 -15.40 -5.31
C ALA B 211 -6.21 -14.98 -6.45
N ALA B 212 -6.69 -15.03 -7.69
CA ALA B 212 -5.86 -14.65 -8.83
C ALA B 212 -5.59 -13.16 -8.88
N THR B 213 -6.52 -12.36 -8.33
CA THR B 213 -6.37 -10.90 -8.31
C THR B 213 -5.86 -10.35 -6.98
N LEU B 214 -5.08 -11.14 -6.24
CA LEU B 214 -4.54 -10.69 -4.96
C LEU B 214 -3.63 -9.46 -5.07
N GLU B 215 -2.53 -9.61 -5.79
CA GLU B 215 -1.56 -8.54 -5.98
C GLU B 215 -2.18 -7.27 -6.58
N PHE B 216 -3.12 -7.45 -7.51
CA PHE B 216 -3.75 -6.30 -8.14
C PHE B 216 -4.72 -5.60 -7.19
N THR B 217 -5.41 -6.37 -6.34
CA THR B 217 -6.34 -5.78 -5.39
C THR B 217 -5.56 -4.88 -4.44
N GLN B 218 -4.41 -5.37 -3.99
CA GLN B 218 -3.53 -4.61 -3.10
C GLN B 218 -3.10 -3.31 -3.78
N LEU B 219 -3.04 -3.31 -5.11
CA LEU B 219 -2.63 -2.14 -5.84
C LEU B 219 -3.76 -1.10 -5.87
N CYS B 220 -4.97 -1.56 -6.10
CA CYS B 220 -6.14 -0.69 -6.15
C CYS B 220 -6.35 0.00 -4.81
N ILE B 221 -5.97 -0.68 -3.73
CA ILE B 221 -6.11 -0.13 -2.40
C ILE B 221 -5.06 0.98 -2.20
N ASP B 222 -3.83 0.71 -2.66
CA ASP B 222 -2.71 1.64 -2.57
C ASP B 222 -2.96 2.92 -3.36
N LEU B 223 -3.98 2.90 -4.22
CA LEU B 223 -4.32 4.06 -5.02
C LEU B 223 -5.61 4.73 -4.55
N GLY B 224 -6.14 4.25 -3.43
CA GLY B 224 -7.34 4.86 -2.88
C GLY B 224 -8.65 4.12 -2.96
N TRP B 225 -8.73 3.03 -3.71
CA TRP B 225 -9.99 2.28 -3.79
C TRP B 225 -10.37 1.78 -2.41
N LYS B 226 -11.68 1.82 -2.13
CA LYS B 226 -12.21 1.37 -0.84
C LYS B 226 -12.56 -0.12 -0.84
N PRO B 227 -11.73 -0.96 -0.20
CA PRO B 227 -11.99 -2.41 -0.14
C PRO B 227 -13.25 -2.70 0.67
N ARG B 228 -14.09 -3.61 0.15
CA ARG B 228 -15.32 -3.97 0.82
C ARG B 228 -15.26 -5.38 1.40
N TYR B 229 -14.09 -6.00 1.30
CA TYR B 229 -13.82 -7.34 1.81
C TYR B 229 -14.93 -8.38 1.63
N GLY B 230 -15.30 -8.61 0.37
CA GLY B 230 -16.34 -9.57 0.06
C GLY B 230 -15.88 -10.67 -0.89
N ARG B 231 -16.76 -11.63 -1.14
CA ARG B 231 -16.49 -12.75 -2.02
C ARG B 231 -16.57 -12.35 -3.49
N PHE B 232 -17.49 -11.45 -3.79
CA PHE B 232 -17.69 -10.97 -5.15
C PHE B 232 -17.68 -9.45 -5.30
N ASP B 233 -16.58 -8.81 -4.90
CA ASP B 233 -16.47 -7.35 -5.03
C ASP B 233 -15.86 -6.96 -6.37
N VAL B 234 -16.67 -6.41 -7.26
CA VAL B 234 -16.22 -5.95 -8.56
C VAL B 234 -15.11 -4.90 -8.41
N LEU B 235 -13.94 -5.18 -8.96
CA LEU B 235 -12.79 -4.28 -8.90
C LEU B 235 -13.01 -3.01 -9.72
N PRO B 236 -12.26 -1.94 -9.43
CA PRO B 236 -12.36 -0.65 -10.15
C PRO B 236 -11.46 -0.58 -11.40
N LEU B 237 -11.90 0.20 -12.38
CA LEU B 237 -11.13 0.41 -13.61
C LEU B 237 -9.96 1.34 -13.27
N VAL B 238 -8.73 0.84 -13.45
CA VAL B 238 -7.53 1.62 -13.18
C VAL B 238 -7.02 2.06 -14.55
N LEU B 239 -7.26 3.34 -14.86
CA LEU B 239 -6.90 3.88 -16.16
C LEU B 239 -5.69 4.81 -16.29
N GLN B 240 -4.86 4.50 -17.29
CA GLN B 240 -3.68 5.30 -17.60
C GLN B 240 -3.95 6.04 -18.90
N ALA B 241 -3.83 7.37 -18.87
CA ALA B 241 -4.08 8.17 -20.06
C ALA B 241 -2.86 8.97 -20.46
N ASP B 242 -2.59 9.01 -21.76
CA ASP B 242 -1.45 9.73 -22.32
C ASP B 242 -0.15 9.61 -21.53
N GLY B 243 0.15 8.41 -21.05
CA GLY B 243 1.38 8.18 -20.30
C GLY B 243 1.38 8.67 -18.86
N GLN B 244 0.33 9.38 -18.47
CA GLN B 244 0.21 9.89 -17.12
C GLN B 244 0.03 8.77 -16.09
N ASP B 245 -0.11 9.16 -14.83
CA ASP B 245 -0.31 8.18 -13.78
C ASP B 245 -1.73 7.66 -13.83
N PRO B 246 -1.94 6.42 -13.39
CA PRO B 246 -3.25 5.76 -13.37
C PRO B 246 -4.24 6.33 -12.37
N GLU B 247 -5.48 6.49 -12.81
CA GLU B 247 -6.54 6.99 -11.97
C GLU B 247 -7.56 5.87 -11.72
N VAL B 248 -8.00 5.75 -10.47
CA VAL B 248 -8.96 4.74 -10.07
C VAL B 248 -10.40 5.20 -10.27
N PHE B 249 -11.21 4.35 -10.89
CA PHE B 249 -12.61 4.66 -11.15
C PHE B 249 -13.47 3.43 -10.85
N GLU B 250 -14.47 3.59 -9.99
CA GLU B 250 -15.35 2.47 -9.67
C GLU B 250 -16.35 2.29 -10.80
N ILE B 251 -16.65 1.04 -11.14
CA ILE B 251 -17.61 0.78 -12.21
C ILE B 251 -19.03 0.89 -11.67
N PRO B 252 -19.88 1.69 -12.31
CA PRO B 252 -21.28 1.86 -11.88
C PRO B 252 -21.98 0.52 -11.81
N PRO B 253 -22.30 0.06 -10.59
CA PRO B 253 -22.98 -1.21 -10.33
C PRO B 253 -24.11 -1.59 -11.29
N ASP B 254 -24.84 -0.59 -11.78
CA ASP B 254 -25.94 -0.83 -12.69
C ASP B 254 -25.43 -1.43 -14.00
N LEU B 255 -24.17 -1.18 -14.32
CA LEU B 255 -23.57 -1.67 -15.55
C LEU B 255 -23.10 -3.12 -15.49
N VAL B 256 -22.73 -3.57 -14.29
CA VAL B 256 -22.25 -4.92 -14.07
C VAL B 256 -23.36 -5.98 -13.87
N LEU B 257 -23.75 -6.63 -14.95
CA LEU B 257 -24.77 -7.69 -14.91
C LEU B 257 -24.17 -8.96 -14.34
N GLU B 258 -24.92 -9.62 -13.47
CA GLU B 258 -24.44 -10.85 -12.84
C GLU B 258 -25.47 -11.98 -12.90
N VAL B 259 -24.98 -13.22 -12.80
CA VAL B 259 -25.83 -14.39 -12.83
C VAL B 259 -25.67 -15.13 -11.51
N THR B 260 -26.80 -15.43 -10.87
CA THR B 260 -26.79 -16.15 -9.59
C THR B 260 -26.82 -17.65 -9.90
N MET B 261 -25.92 -18.41 -9.28
CA MET B 261 -25.85 -19.85 -9.53
C MET B 261 -26.94 -20.71 -8.88
N GLU B 262 -27.67 -21.45 -9.72
CA GLU B 262 -28.74 -22.34 -9.27
C GLU B 262 -28.68 -23.68 -10.02
N HIS B 263 -28.73 -24.77 -9.26
CA HIS B 263 -28.73 -26.09 -9.87
C HIS B 263 -30.18 -26.50 -10.11
N PRO B 264 -30.48 -27.08 -11.29
CA PRO B 264 -31.86 -27.48 -11.57
C PRO B 264 -32.38 -28.68 -10.76
N LYS B 265 -31.54 -29.23 -9.87
CA LYS B 265 -31.95 -30.38 -9.05
C LYS B 265 -31.53 -30.18 -7.60
N TYR B 266 -30.26 -29.85 -7.38
CA TYR B 266 -29.73 -29.64 -6.04
C TYR B 266 -30.10 -28.26 -5.51
N GLU B 267 -31.19 -28.19 -4.75
CA GLU B 267 -31.66 -26.92 -4.19
C GLU B 267 -30.65 -26.30 -3.24
N TRP B 268 -29.73 -27.10 -2.73
CA TRP B 268 -28.70 -26.62 -1.82
C TRP B 268 -27.59 -25.89 -2.56
N PHE B 269 -27.64 -25.89 -3.90
CA PHE B 269 -26.61 -25.22 -4.68
C PHE B 269 -26.63 -23.71 -4.46
N GLN B 270 -27.83 -23.15 -4.47
CA GLN B 270 -28.03 -21.72 -4.26
C GLN B 270 -27.53 -21.29 -2.88
N GLU B 271 -27.43 -22.25 -1.95
CA GLU B 271 -26.94 -22.00 -0.59
C GLU B 271 -25.44 -21.74 -0.59
N LEU B 272 -24.81 -22.03 -1.72
CA LEU B 272 -23.37 -21.81 -1.86
C LEU B 272 -23.13 -20.31 -2.00
N GLY B 273 -24.16 -19.59 -2.44
CA GLY B 273 -24.09 -18.16 -2.61
C GLY B 273 -23.08 -17.75 -3.66
N LEU B 274 -23.15 -18.39 -4.81
CA LEU B 274 -22.22 -18.11 -5.90
C LEU B 274 -22.86 -17.37 -7.06
N LYS B 275 -22.03 -16.62 -7.77
CA LYS B 275 -22.47 -15.88 -8.94
C LYS B 275 -21.24 -15.49 -9.75
N TRP B 276 -21.48 -14.93 -10.92
CA TRP B 276 -20.40 -14.50 -11.78
C TRP B 276 -20.92 -13.46 -12.76
N TYR B 277 -20.02 -12.57 -13.18
CA TYR B 277 -20.36 -11.53 -14.14
C TYR B 277 -20.54 -12.16 -15.52
N ALA B 278 -21.49 -11.63 -16.27
CA ALA B 278 -21.79 -12.13 -17.60
C ALA B 278 -20.90 -11.57 -18.71
N LEU B 279 -19.98 -10.67 -18.37
CA LEU B 279 -19.16 -10.04 -19.39
C LEU B 279 -17.66 -10.30 -19.33
N PRO B 280 -17.18 -11.18 -20.23
CA PRO B 280 -15.76 -11.52 -20.30
C PRO B 280 -15.12 -10.48 -21.22
N ALA B 281 -14.34 -9.57 -20.64
CA ALA B 281 -13.74 -8.53 -21.46
C ALA B 281 -12.26 -8.35 -21.18
N VAL B 282 -11.43 -8.77 -22.15
CA VAL B 282 -9.99 -8.64 -21.99
C VAL B 282 -9.62 -7.16 -22.07
N ALA B 283 -8.86 -6.71 -21.09
CA ALA B 283 -8.53 -5.30 -21.05
C ALA B 283 -7.07 -4.90 -21.15
N ASN B 284 -6.16 -5.87 -21.02
CA ASN B 284 -4.73 -5.57 -21.07
C ASN B 284 -3.93 -6.01 -22.29
N MET B 285 -4.58 -6.23 -23.42
CA MET B 285 -3.82 -6.65 -24.59
C MET B 285 -3.51 -5.56 -25.61
N LEU B 286 -2.41 -5.75 -26.34
CA LEU B 286 -1.99 -4.78 -27.34
C LEU B 286 -2.36 -5.22 -28.75
N LEU B 287 -2.99 -4.31 -29.49
CA LEU B 287 -3.36 -4.58 -30.88
C LEU B 287 -2.26 -4.08 -31.81
N GLU B 288 -1.64 -5.00 -32.55
CA GLU B 288 -0.61 -4.65 -33.49
C GLU B 288 -1.20 -4.70 -34.89
N VAL B 289 -0.99 -3.63 -35.64
CA VAL B 289 -1.48 -3.56 -37.01
C VAL B 289 -0.60 -2.68 -37.86
N GLY B 290 -0.02 -3.28 -38.91
CA GLY B 290 0.83 -2.55 -39.83
C GLY B 290 1.97 -1.81 -39.17
N GLY B 291 2.52 -2.37 -38.11
CA GLY B 291 3.62 -1.72 -37.42
C GLY B 291 3.12 -0.77 -36.35
N LEU B 292 1.84 -0.41 -36.41
CA LEU B 292 1.22 0.46 -35.42
C LEU B 292 0.83 -0.38 -34.21
N GLU B 293 0.94 0.22 -33.03
CA GLU B 293 0.60 -0.49 -31.80
C GLU B 293 -0.44 0.26 -30.97
N PHE B 294 -1.45 -0.47 -30.50
CA PHE B 294 -2.51 0.09 -29.67
C PHE B 294 -2.45 -0.59 -28.31
N PRO B 295 -1.75 0.01 -27.34
CA PRO B 295 -1.59 -0.51 -25.99
C PRO B 295 -2.86 -0.58 -25.16
N ALA B 296 -3.94 -0.01 -25.69
CA ALA B 296 -5.22 -0.03 -24.97
C ALA B 296 -6.32 -0.27 -25.99
N CYS B 297 -6.96 -1.42 -25.89
CA CYS B 297 -8.02 -1.78 -26.81
C CYS B 297 -8.81 -2.91 -26.17
N PRO B 298 -9.58 -2.60 -25.11
CA PRO B 298 -10.37 -3.62 -24.43
C PRO B 298 -11.42 -4.24 -25.36
N PHE B 299 -11.56 -5.55 -25.27
CA PHE B 299 -12.55 -6.25 -26.10
C PHE B 299 -13.26 -7.37 -25.35
N ASN B 300 -14.44 -7.73 -25.85
CA ASN B 300 -15.20 -8.79 -25.23
C ASN B 300 -16.01 -9.59 -26.23
N GLY B 301 -16.42 -10.77 -25.78
CA GLY B 301 -17.29 -11.64 -26.56
C GLY B 301 -18.20 -12.19 -25.46
N TRP B 302 -18.65 -13.44 -25.58
CA TRP B 302 -19.48 -14.01 -24.53
C TRP B 302 -18.75 -15.18 -23.87
N TYR B 303 -19.25 -15.60 -22.72
CA TYR B 303 -18.67 -16.70 -21.96
C TYR B 303 -18.90 -18.13 -22.48
N MET B 304 -17.96 -19.00 -22.17
CA MET B 304 -18.06 -20.41 -22.49
C MET B 304 -18.11 -20.99 -21.09
N GLY B 305 -19.20 -21.71 -20.82
CA GLY B 305 -19.46 -22.30 -19.51
C GLY B 305 -18.32 -22.80 -18.67
N THR B 306 -17.45 -23.62 -19.26
CA THR B 306 -16.33 -24.21 -18.54
C THR B 306 -15.37 -23.20 -17.93
N GLU B 307 -15.32 -22.00 -18.51
CA GLU B 307 -14.44 -20.96 -17.99
C GLU B 307 -14.84 -20.59 -16.55
N ILE B 308 -16.14 -20.43 -16.35
CA ILE B 308 -16.68 -20.11 -15.04
C ILE B 308 -16.74 -21.36 -14.17
N GLY B 309 -17.49 -22.35 -14.65
CA GLY B 309 -17.66 -23.58 -13.91
C GLY B 309 -16.39 -24.33 -13.57
N VAL B 310 -15.48 -24.45 -14.53
CA VAL B 310 -14.28 -25.22 -14.28
C VAL B 310 -13.08 -24.43 -13.80
N ARG B 311 -12.71 -23.39 -14.55
CA ARG B 311 -11.53 -22.59 -14.19
C ARG B 311 -11.75 -21.64 -13.01
N ASP B 312 -12.70 -20.72 -13.16
CA ASP B 312 -12.99 -19.75 -12.10
C ASP B 312 -13.41 -20.40 -10.79
N PHE B 313 -14.39 -21.30 -10.85
CA PHE B 313 -14.87 -21.98 -9.65
C PHE B 313 -14.00 -23.12 -9.11
N CYS B 314 -13.41 -23.93 -9.99
CA CYS B 314 -12.63 -25.08 -9.52
C CYS B 314 -11.10 -25.05 -9.46
N ASP B 315 -10.45 -24.10 -10.12
CA ASP B 315 -8.99 -24.05 -10.03
C ASP B 315 -8.63 -23.87 -8.56
N THR B 316 -7.59 -24.56 -8.09
CA THR B 316 -7.19 -24.42 -6.69
C THR B 316 -6.69 -23.00 -6.41
N GLN B 317 -6.17 -22.33 -7.44
CA GLN B 317 -5.65 -20.97 -7.30
C GLN B 317 -6.73 -19.90 -7.50
N ARG B 318 -7.98 -20.34 -7.61
CA ARG B 318 -9.10 -19.42 -7.77
C ARG B 318 -10.06 -19.67 -6.61
N TYR B 319 -11.36 -19.76 -6.90
CA TYR B 319 -12.37 -19.99 -5.87
C TYR B 319 -12.27 -21.31 -5.13
N ASN B 320 -11.70 -22.33 -5.79
CA ASN B 320 -11.47 -23.65 -5.18
C ASN B 320 -12.69 -24.25 -4.44
N ILE B 321 -13.84 -24.30 -5.10
CA ILE B 321 -15.04 -24.83 -4.46
C ILE B 321 -15.32 -26.33 -4.73
N LEU B 322 -14.31 -27.05 -5.22
CA LEU B 322 -14.51 -28.45 -5.58
C LEU B 322 -14.89 -29.41 -4.45
N GLU B 323 -14.06 -29.51 -3.41
CA GLU B 323 -14.37 -30.39 -2.29
C GLU B 323 -15.73 -30.10 -1.64
N GLU B 324 -16.02 -28.82 -1.42
CA GLU B 324 -17.27 -28.37 -0.83
C GLU B 324 -18.46 -28.96 -1.57
N VAL B 325 -18.47 -28.80 -2.89
CA VAL B 325 -19.56 -29.32 -3.71
C VAL B 325 -19.59 -30.85 -3.65
N GLY B 326 -18.40 -31.43 -3.44
CA GLY B 326 -18.28 -32.87 -3.34
C GLY B 326 -19.01 -33.42 -2.14
N ARG B 327 -18.78 -32.84 -0.97
CA ARG B 327 -19.41 -33.28 0.26
C ARG B 327 -20.93 -33.18 0.18
N ARG B 328 -21.41 -32.07 -0.37
CA ARG B 328 -22.84 -31.83 -0.50
C ARG B 328 -23.56 -32.79 -1.44
N MET B 329 -22.78 -33.64 -2.10
CA MET B 329 -23.31 -34.65 -3.00
C MET B 329 -23.19 -36.02 -2.33
N GLY B 330 -22.44 -36.06 -1.21
CA GLY B 330 -22.23 -37.28 -0.46
C GLY B 330 -21.21 -38.23 -1.07
N LEU B 331 -20.32 -37.68 -1.88
CA LEU B 331 -19.31 -38.46 -2.56
C LEU B 331 -18.09 -38.73 -1.66
N GLU B 332 -17.31 -39.74 -2.02
CA GLU B 332 -16.13 -40.11 -1.25
C GLU B 332 -14.99 -39.12 -1.57
N THR B 333 -15.06 -37.94 -0.97
CA THR B 333 -14.07 -36.90 -1.22
C THR B 333 -12.67 -37.16 -0.63
N HIS B 334 -12.46 -38.36 -0.09
CA HIS B 334 -11.16 -38.72 0.48
C HIS B 334 -10.47 -39.82 -0.32
N THR B 335 -11.22 -40.41 -1.25
CA THR B 335 -10.72 -41.47 -2.10
C THR B 335 -10.72 -40.92 -3.52
N LEU B 336 -9.53 -40.63 -4.05
CA LEU B 336 -9.40 -40.10 -5.41
C LEU B 336 -9.94 -41.03 -6.48
N ALA B 337 -9.61 -42.32 -6.37
CA ALA B 337 -10.04 -43.31 -7.35
C ALA B 337 -11.55 -43.38 -7.56
N SER B 338 -12.32 -42.80 -6.63
CA SER B 338 -13.77 -42.82 -6.70
C SER B 338 -14.33 -41.90 -7.80
N LEU B 339 -13.47 -41.05 -8.37
CA LEU B 339 -13.85 -40.10 -9.41
C LEU B 339 -14.86 -39.02 -8.95
N TRP B 340 -14.82 -38.70 -7.66
CA TRP B 340 -15.72 -37.71 -7.09
C TRP B 340 -15.54 -36.34 -7.74
N LYS B 341 -14.28 -35.95 -7.97
CA LYS B 341 -13.98 -34.67 -8.61
C LYS B 341 -14.64 -34.59 -9.99
N ASP B 342 -14.62 -35.70 -10.73
CA ASP B 342 -15.25 -35.74 -12.05
C ASP B 342 -16.75 -35.52 -11.92
N ARG B 343 -17.32 -36.00 -10.82
CA ARG B 343 -18.77 -35.85 -10.59
C ARG B 343 -19.17 -34.42 -10.24
N ALA B 344 -18.45 -33.82 -9.30
CA ALA B 344 -18.74 -32.47 -8.85
C ALA B 344 -18.66 -31.45 -9.97
N VAL B 345 -17.51 -31.44 -10.65
CA VAL B 345 -17.25 -30.49 -11.72
C VAL B 345 -18.34 -30.45 -12.78
N THR B 346 -18.97 -31.58 -13.04
CA THR B 346 -20.01 -31.63 -14.04
C THR B 346 -21.29 -30.97 -13.56
N GLU B 347 -21.59 -31.15 -12.27
CA GLU B 347 -22.79 -30.54 -11.70
C GLU B 347 -22.64 -29.01 -11.69
N ILE B 348 -21.44 -28.56 -11.36
CA ILE B 348 -21.13 -27.13 -11.37
C ILE B 348 -21.32 -26.60 -12.80
N ASN B 349 -20.82 -27.33 -13.78
CA ASN B 349 -20.98 -26.91 -15.17
C ASN B 349 -22.45 -26.84 -15.54
N VAL B 350 -23.22 -27.81 -15.07
CA VAL B 350 -24.66 -27.85 -15.36
C VAL B 350 -25.33 -26.63 -14.70
N ALA B 351 -24.90 -26.30 -13.48
CA ALA B 351 -25.43 -25.17 -12.75
C ALA B 351 -25.20 -23.89 -13.53
N VAL B 352 -23.95 -23.68 -13.96
CA VAL B 352 -23.58 -22.49 -14.72
C VAL B 352 -24.43 -22.36 -15.97
N LEU B 353 -24.46 -23.39 -16.80
CA LEU B 353 -25.26 -23.34 -18.03
C LEU B 353 -26.74 -23.09 -17.75
N HIS B 354 -27.27 -23.74 -16.72
CA HIS B 354 -28.67 -23.59 -16.35
C HIS B 354 -28.96 -22.17 -15.89
N SER B 355 -28.15 -21.65 -14.98
CA SER B 355 -28.32 -20.30 -14.48
C SER B 355 -28.33 -19.23 -15.58
N PHE B 356 -27.34 -19.27 -16.48
CA PHE B 356 -27.27 -18.28 -17.56
C PHE B 356 -28.49 -18.38 -18.47
N GLN B 357 -28.88 -19.60 -18.82
CA GLN B 357 -30.01 -19.81 -19.70
C GLN B 357 -31.32 -19.34 -19.08
N LYS B 358 -31.44 -19.54 -17.78
CA LYS B 358 -32.63 -19.16 -17.03
C LYS B 358 -32.77 -17.65 -16.96
N GLN B 359 -31.68 -16.98 -16.62
CA GLN B 359 -31.64 -15.52 -16.51
C GLN B 359 -31.44 -14.78 -17.84
N ASN B 360 -31.72 -15.48 -18.94
CA ASN B 360 -31.59 -14.95 -20.28
C ASN B 360 -30.28 -14.25 -20.67
N VAL B 361 -29.17 -14.78 -20.15
CA VAL B 361 -27.84 -14.26 -20.43
C VAL B 361 -27.07 -15.22 -21.34
N THR B 362 -26.58 -14.70 -22.46
CA THR B 362 -25.85 -15.50 -23.44
C THR B 362 -24.71 -16.31 -22.84
N ILE B 363 -24.73 -17.61 -23.14
CA ILE B 363 -23.71 -18.54 -22.67
C ILE B 363 -23.60 -19.65 -23.72
N MET B 364 -22.45 -20.31 -23.76
CA MET B 364 -22.21 -21.39 -24.71
C MET B 364 -21.46 -22.50 -24.00
N ASP B 365 -21.92 -23.74 -24.18
CA ASP B 365 -21.27 -24.89 -23.56
C ASP B 365 -20.06 -25.26 -24.42
N HIS B 366 -19.08 -25.94 -23.82
CA HIS B 366 -17.86 -26.32 -24.52
C HIS B 366 -18.03 -27.26 -25.71
N HIS B 367 -19.02 -28.15 -25.64
CA HIS B 367 -19.25 -29.08 -26.74
C HIS B 367 -19.68 -28.32 -27.99
N THR B 368 -20.67 -27.45 -27.85
CA THR B 368 -21.16 -26.65 -28.96
C THR B 368 -20.06 -25.73 -29.49
N ALA B 369 -19.22 -25.24 -28.59
CA ALA B 369 -18.12 -24.36 -28.93
C ALA B 369 -17.12 -25.05 -29.83
N SER B 370 -16.79 -26.31 -29.48
CA SER B 370 -15.84 -27.12 -30.26
C SER B 370 -16.36 -27.40 -31.65
N GLU B 371 -17.61 -27.86 -31.75
CA GLU B 371 -18.19 -28.13 -33.06
C GLU B 371 -18.20 -26.84 -33.86
N SER B 372 -18.45 -25.73 -33.17
CA SER B 372 -18.47 -24.40 -33.79
C SER B 372 -17.10 -24.04 -34.37
N PHE B 373 -16.04 -24.28 -33.61
CA PHE B 373 -14.70 -23.96 -34.06
C PHE B 373 -14.28 -24.85 -35.22
N MET B 374 -14.53 -26.15 -35.12
CA MET B 374 -14.19 -27.09 -36.18
C MET B 374 -14.74 -26.60 -37.49
N LYS B 375 -16.00 -26.14 -37.45
CA LYS B 375 -16.68 -25.60 -38.62
C LYS B 375 -15.93 -24.36 -39.12
N HIS B 376 -15.56 -23.49 -38.19
CA HIS B 376 -14.83 -22.28 -38.53
C HIS B 376 -13.48 -22.63 -39.18
N MET B 377 -12.77 -23.57 -38.56
CA MET B 377 -11.48 -23.99 -39.04
C MET B 377 -11.58 -24.50 -40.47
N GLN B 378 -12.59 -25.31 -40.73
CA GLN B 378 -12.77 -25.81 -42.09
C GLN B 378 -13.00 -24.66 -43.06
N ASN B 379 -13.79 -23.68 -42.65
CA ASN B 379 -14.07 -22.50 -43.49
C ASN B 379 -12.79 -21.76 -43.79
N GLU B 380 -11.90 -21.69 -42.79
CA GLU B 380 -10.63 -21.00 -42.90
C GLU B 380 -9.63 -21.64 -43.85
N TYR B 381 -9.57 -22.97 -43.85
CA TYR B 381 -8.67 -23.67 -44.77
C TYR B 381 -9.14 -23.52 -46.21
N ARG B 382 -10.45 -23.37 -46.39
CA ARG B 382 -11.01 -23.20 -47.71
C ARG B 382 -10.93 -21.72 -48.13
N ALA B 383 -11.00 -20.83 -47.16
CA ALA B 383 -10.94 -19.38 -47.43
C ALA B 383 -9.53 -18.85 -47.69
N ARG B 384 -8.58 -19.23 -46.85
CA ARG B 384 -7.20 -18.76 -47.01
C ARG B 384 -6.10 -19.78 -46.72
N GLY B 385 -6.46 -21.06 -46.78
CA GLY B 385 -5.51 -22.12 -46.56
C GLY B 385 -4.82 -22.10 -45.23
N GLY B 386 -5.59 -22.05 -44.15
CA GLY B 386 -4.99 -22.05 -42.83
C GLY B 386 -5.76 -21.35 -41.73
N CYS B 387 -5.44 -21.73 -40.51
CA CYS B 387 -6.03 -21.17 -39.30
C CYS B 387 -5.05 -21.42 -38.15
N PRO B 388 -4.36 -20.37 -37.70
CA PRO B 388 -3.41 -20.55 -36.61
C PRO B 388 -4.22 -20.99 -35.39
N ALA B 389 -3.74 -22.01 -34.68
CA ALA B 389 -4.48 -22.53 -33.54
C ALA B 389 -3.59 -23.14 -32.49
N ASP B 390 -3.88 -22.80 -31.23
CA ASP B 390 -3.12 -23.31 -30.10
C ASP B 390 -3.94 -24.40 -29.43
N TRP B 391 -3.62 -25.64 -29.80
CA TRP B 391 -4.29 -26.82 -29.28
C TRP B 391 -4.45 -26.76 -27.77
N ILE B 392 -3.38 -26.42 -27.07
CA ILE B 392 -3.38 -26.36 -25.62
C ILE B 392 -4.45 -25.43 -25.04
N TRP B 393 -4.86 -24.44 -25.81
CA TRP B 393 -5.89 -23.50 -25.34
C TRP B 393 -7.25 -23.83 -25.89
N LEU B 394 -7.27 -24.33 -27.12
CA LEU B 394 -8.52 -24.66 -27.78
C LEU B 394 -9.24 -25.90 -27.24
N VAL B 395 -8.52 -26.74 -26.52
CA VAL B 395 -9.14 -27.94 -25.96
C VAL B 395 -9.62 -27.64 -24.55
N PRO B 396 -10.95 -27.73 -24.32
CA PRO B 396 -11.62 -27.48 -23.03
C PRO B 396 -10.93 -28.09 -21.81
N PRO B 397 -11.10 -27.46 -20.64
CA PRO B 397 -10.50 -27.93 -19.38
C PRO B 397 -11.14 -29.20 -18.82
N VAL B 398 -12.24 -29.64 -19.43
CA VAL B 398 -12.93 -30.89 -19.09
C VAL B 398 -13.37 -31.53 -20.40
N SER B 399 -13.50 -32.86 -20.38
CA SER B 399 -13.94 -33.63 -21.54
C SER B 399 -13.13 -33.41 -22.82
N GLY B 400 -11.82 -33.41 -22.67
CA GLY B 400 -10.93 -33.18 -23.80
C GLY B 400 -11.22 -34.00 -25.03
N SER B 401 -10.94 -35.30 -24.97
CA SER B 401 -11.14 -36.19 -26.12
C SER B 401 -12.58 -36.36 -26.57
N ILE B 402 -13.52 -36.01 -25.70
CA ILE B 402 -14.94 -36.10 -26.05
C ILE B 402 -15.27 -34.96 -27.01
N THR B 403 -14.37 -33.99 -27.14
CA THR B 403 -14.59 -32.88 -28.06
C THR B 403 -13.83 -33.11 -29.36
N PRO B 404 -14.35 -32.60 -30.48
CA PRO B 404 -13.64 -32.82 -31.74
C PRO B 404 -12.28 -32.14 -31.89
N VAL B 405 -12.13 -30.93 -31.33
CA VAL B 405 -10.87 -30.20 -31.47
C VAL B 405 -9.67 -30.99 -30.95
N PHE B 406 -9.90 -31.86 -29.97
CA PHE B 406 -8.86 -32.69 -29.37
C PHE B 406 -8.19 -33.61 -30.39
N HIS B 407 -8.95 -34.05 -31.38
CA HIS B 407 -8.45 -34.97 -32.40
C HIS B 407 -7.99 -34.27 -33.66
N GLN B 408 -7.95 -32.94 -33.61
CA GLN B 408 -7.53 -32.15 -34.75
C GLN B 408 -6.09 -31.66 -34.58
N GLU B 409 -5.21 -32.04 -35.51
CA GLU B 409 -3.83 -31.58 -35.46
C GLU B 409 -3.88 -30.10 -35.84
N MET B 410 -3.04 -29.30 -35.19
CA MET B 410 -3.06 -27.86 -35.43
C MET B 410 -1.67 -27.24 -35.52
N LEU B 411 -1.63 -26.08 -36.17
CA LEU B 411 -0.41 -25.34 -36.33
C LEU B 411 -0.56 -23.99 -35.64
N ASN B 412 0.31 -23.74 -34.68
CA ASN B 412 0.27 -22.47 -33.95
C ASN B 412 1.30 -21.48 -34.49
N TYR B 413 0.85 -20.39 -35.09
CA TYR B 413 1.77 -19.37 -35.61
C TYR B 413 1.20 -17.96 -35.48
N VAL B 414 2.08 -16.98 -35.44
CA VAL B 414 1.67 -15.59 -35.27
C VAL B 414 1.56 -14.78 -36.58
N LEU B 415 0.36 -14.33 -36.92
CA LEU B 415 0.16 -13.51 -38.12
C LEU B 415 0.09 -12.04 -37.70
N SER B 416 -0.47 -11.21 -38.58
CA SER B 416 -0.61 -9.77 -38.32
C SER B 416 -1.74 -9.27 -39.19
N PRO B 417 -2.66 -8.43 -38.63
CA PRO B 417 -2.73 -7.92 -37.25
C PRO B 417 -2.83 -9.03 -36.21
N PHE B 418 -2.47 -8.72 -34.97
CA PHE B 418 -2.47 -9.71 -33.91
C PHE B 418 -2.70 -9.03 -32.53
N TYR B 419 -3.18 -9.81 -31.56
CA TYR B 419 -3.40 -9.31 -30.20
C TYR B 419 -2.29 -9.90 -29.35
N TYR B 420 -1.35 -9.06 -28.96
CA TYR B 420 -0.23 -9.51 -28.13
C TYR B 420 -0.47 -9.25 -26.66
N TYR B 421 0.31 -9.91 -25.82
CA TYR B 421 0.26 -9.69 -24.39
C TYR B 421 1.19 -8.49 -24.13
N GLN B 422 1.09 -7.88 -22.96
CA GLN B 422 1.95 -6.75 -22.60
C GLN B 422 2.60 -7.08 -21.27
N ILE B 423 3.62 -6.32 -20.90
CA ILE B 423 4.30 -6.49 -19.61
C ILE B 423 3.44 -5.74 -18.60
N GLU B 424 3.22 -6.32 -17.43
CA GLU B 424 2.42 -5.67 -16.39
C GLU B 424 2.91 -4.22 -16.19
N PRO B 425 2.04 -3.24 -16.46
CA PRO B 425 2.37 -1.82 -16.33
C PRO B 425 3.08 -1.36 -15.05
N TRP B 426 2.63 -1.84 -13.89
CA TRP B 426 3.26 -1.45 -12.62
C TRP B 426 4.73 -1.84 -12.51
N LYS B 427 5.23 -2.56 -13.51
CA LYS B 427 6.61 -3.01 -13.52
C LYS B 427 7.51 -2.10 -14.37
N THR B 428 6.94 -1.50 -15.40
CA THR B 428 7.68 -0.60 -16.29
C THR B 428 7.01 0.76 -16.40
N HIS B 429 6.73 1.37 -15.26
CA HIS B 429 6.08 2.67 -15.25
C HIS B 429 6.74 3.62 -14.30
N ILE B 430 7.38 4.64 -14.86
CA ILE B 430 8.04 5.68 -14.09
C ILE B 430 6.98 6.65 -13.62
N TRP B 431 6.59 6.52 -12.34
CA TRP B 431 5.55 7.37 -11.74
C TRP B 431 5.85 8.87 -11.85
N GLN B 432 4.84 9.60 -12.28
CA GLN B 432 5.01 11.04 -12.44
C GLN B 432 5.35 11.73 -11.14
N ASN B 433 4.94 11.13 -10.02
CA ASN B 433 5.20 11.63 -8.67
C ASN B 433 6.64 11.29 -8.24
CHA HEM C . 6.81 14.45 27.38
CHB HEM C . 6.69 11.83 31.41
CHC HEM C . 11.39 10.89 31.00
CHD HEM C . 11.56 13.88 27.21
C1A HEM C . 6.37 13.72 28.45
C2A HEM C . 4.98 13.60 28.80
C3A HEM C . 4.94 12.88 29.95
C4A HEM C . 6.30 12.54 30.29
CMA HEM C . 3.68 12.59 30.76
CAA HEM C . 3.78 14.01 27.95
CBA HEM C . 3.64 12.91 26.89
CGA HEM C . 2.43 13.08 26.01
O1A HEM C . 2.53 12.78 24.80
O2A HEM C . 1.38 13.49 26.53
C1B HEM C . 7.99 11.46 31.76
C2B HEM C . 8.32 10.60 32.86
C3B HEM C . 9.66 10.30 32.74
C4B HEM C . 10.14 10.99 31.55
CMB HEM C . 7.31 10.09 33.90
CAB HEM C . 10.30 9.41 33.61
CBB HEM C . 11.64 9.19 33.90
C1C HEM C . 11.81 11.56 29.85
C2C HEM C . 13.16 11.47 29.31
C3C HEM C . 13.21 12.34 28.27
C4C HEM C . 11.90 12.95 28.18
CMC HEM C . 14.26 10.52 29.89
CAC HEM C . 14.29 12.66 27.42
CBC HEM C . 15.67 12.44 27.65
C1D HEM C . 10.31 14.41 27.00
C2D HEM C . 9.95 15.20 25.84
C3D HEM C . 8.62 15.30 25.87
C4D HEM C . 8.14 14.62 27.05
CMD HEM C . 10.84 15.82 24.80
CAD HEM C . 7.77 15.89 24.77
CBD HEM C . 7.14 14.82 23.86
CGD HEM C . 6.22 15.42 22.84
O1D HEM C . 5.47 14.68 22.15
O2D HEM C . 6.22 16.66 22.71
NA HEM C . 7.19 13.04 29.34
NB HEM C . 9.12 11.71 30.98
NC HEM C . 11.05 12.46 29.12
ND HEM C . 9.20 14.07 27.75
FE HEM C . 9.22 13.14 29.57
N1 H4B D . -0.92 17.49 27.15
C2 H4B D . -0.19 16.36 27.08
N2 H4B D . 0.49 15.96 28.15
N3 H4B D . -0.16 15.61 25.97
C4 H4B D . -0.87 15.95 24.89
O4 H4B D . -0.88 15.27 23.87
C4A H4B D . -1.65 17.11 24.91
C8A H4B D . -1.67 17.86 26.11
N5 H4B D . -2.37 17.49 23.86
N8 H4B D . -2.46 18.93 26.21
C6 H4B D . -3.02 18.64 23.89
C7 H4B D . -3.10 19.41 25.07
C9 H4B D . -3.84 18.96 22.65
O9 H4B D . -5.01 18.15 22.56
C10 H4B D . -4.24 20.46 22.65
C11 H4B D . -5.20 20.76 21.50
O10 H4B D . -3.07 21.24 22.49
N1 INE E . 7.72 8.81 29.90
N2 INE E . 8.96 8.92 29.38
C3 INE E . 8.93 9.36 28.12
C4 INE E . 6.84 10.01 26.56
C5 INE E . 5.34 10.05 26.69
C6 INE E . 4.68 9.68 27.85
C7 INE E . 5.39 9.26 28.96
C8 INE E . 6.76 9.17 28.97
C9 INE E . 7.53 9.54 27.83
N10 INE E . 4.58 8.91 30.09
O11 INE E . 3.36 9.02 30.00
O12 INE E . 5.20 8.56 31.04
BR INE E . 10.30 9.65 27.07
C1 EDO F . 7.54 39.67 44.98
O1 EDO F . 8.74 39.81 45.75
C2 EDO F . 7.55 40.78 43.92
O2 EDO F . 8.70 40.57 43.12
C1 EDO G . 21.89 27.96 32.17
O1 EDO G . 23.13 27.31 32.49
C2 EDO G . 21.46 27.39 30.84
O2 EDO G . 21.37 25.98 31.10
C1 BOG H . -2.88 -5.85 -56.71
O1 BOG H . -1.70 -5.13 -56.50
C2 BOG H . -2.53 -7.30 -56.45
O2 BOG H . -1.51 -7.72 -57.35
C3 BOG H . -3.75 -8.15 -56.64
O3 BOG H . -3.43 -9.49 -56.39
C4 BOG H . -4.82 -7.67 -55.67
O4 BOG H . -5.98 -8.45 -55.83
C5 BOG H . -5.14 -6.18 -55.97
O5 BOG H . -3.92 -5.44 -55.81
C6 BOG H . -6.18 -5.68 -54.98
O6 BOG H . -6.19 -4.26 -54.97
C1' BOG H . -1.64 -3.83 -57.03
C2' BOG H . -0.41 -3.40 -56.30
C3' BOG H . 0.65 -2.78 -57.17
C4' BOG H . 1.78 -2.50 -56.21
C5' BOG H . 2.91 -1.81 -56.87
C6' BOG H . 3.10 -0.60 -56.04
C7' BOG H . 4.19 0.28 -56.53
C8' BOG H . 4.32 1.49 -55.64
CHA HEM I . -9.35 -16.40 -25.69
CHB HEM I . -14.00 -17.47 -26.11
CHC HEM I . -14.85 -13.51 -28.54
CHD HEM I . -10.11 -12.62 -28.43
C1A HEM I . -10.57 -16.99 -25.48
C2A HEM I . -10.81 -18.14 -24.62
C3A HEM I . -12.10 -18.44 -24.77
C4A HEM I . -12.66 -17.50 -25.69
CMA HEM I . -12.83 -19.58 -24.07
CAA HEM I . -9.85 -18.74 -23.60
CBA HEM I . -9.83 -17.79 -22.39
CGA HEM I . -8.95 -18.27 -21.24
O1A HEM I . -8.37 -17.41 -20.53
O2A HEM I . -8.86 -19.49 -21.05
C1B HEM I . -14.63 -16.55 -26.90
C2B HEM I . -16.01 -16.58 -27.20
C3B HEM I . -16.32 -15.44 -27.89
C4B HEM I . -15.05 -14.73 -27.98
CMB HEM I . -16.94 -17.72 -26.78
CAB HEM I . -17.62 -15.12 -28.31
CBB HEM I . -18.11 -14.31 -29.32
C1C HEM I . -13.62 -12.86 -28.66
C2C HEM I . -13.42 -11.53 -29.23
C3C HEM I . -12.07 -11.30 -29.26
C4C HEM I . -11.47 -12.48 -28.67
CMC HEM I . -14.55 -10.58 -29.64
CAC HEM I . -11.34 -10.23 -29.80
CBC HEM I . -11.83 -9.30 -30.76
C1D HEM I . -9.47 -13.61 -27.79
C2D HEM I . -8.05 -13.60 -27.48
C3D HEM I . -7.87 -14.63 -26.65
C4D HEM I . -9.12 -15.31 -26.50
CMD HEM I . -6.95 -12.67 -28.03
CAD HEM I . -6.63 -14.84 -25.86
CBD HEM I . -6.71 -14.39 -24.40
CGD HEM I . -5.45 -14.73 -23.62
O1D HEM I . -5.41 -14.51 -22.39
O2D HEM I . -4.49 -15.22 -24.24
NA HEM I . -11.73 -16.60 -26.10
NB HEM I . -14.04 -15.45 -27.39
NC HEM I . -12.42 -13.44 -28.30
ND HEM I . -10.10 -14.68 -27.21
FE HEM I . -12.04 -15.27 -27.58
N1 H4B J . -6.07 -23.10 -21.91
C2 H4B J . -6.88 -22.04 -21.75
N2 H4B J . -7.96 -21.93 -22.51
N3 H4B J . -6.65 -21.13 -20.79
C4 H4B J . -5.63 -21.25 -19.96
O4 H4B J . -5.42 -20.43 -19.05
C4A H4B J . -4.76 -22.36 -20.08
C8A H4B J . -5.06 -23.32 -21.06
N5 H4B J . -3.70 -22.51 -19.28
N8 H4B J . -4.34 -24.44 -21.12
C6 H4B J . -2.80 -23.43 -19.61
C7 H4B J . -3.10 -24.44 -20.54
C9 H4B J . -1.64 -23.56 -18.65
O9 H4B J . -2.05 -24.19 -17.43
C10 H4B J . -0.49 -24.37 -19.28
C11 H4B J . 0.63 -24.56 -18.26
O10 H4B J . 0.03 -23.66 -20.40
N1 INE K . -15.10 -14.79 -24.37
N2 INE K . -14.79 -13.66 -25.04
C3 INE K . -13.63 -13.15 -24.61
C4 INE K . -11.92 -14.02 -22.73
C5 INE K . -11.85 -15.18 -21.75
C6 INE K . -12.83 -16.14 -21.68
C7 INE K . -13.94 -16.10 -22.51
C8 INE K . -14.13 -15.10 -23.44
C9 INE K . -13.18 -14.05 -23.60
N10 INE K . -14.86 -17.16 -22.32
O11 INE K . -14.61 -18.01 -21.46
O12 INE K . -15.81 -17.11 -23.04
BR INE K . -12.84 -11.71 -25.17
#